data_4ZQG
#
_entry.id   4ZQG
#
_cell.length_a   65.719
_cell.length_b   65.719
_cell.length_c   390.106
_cell.angle_alpha   90.00
_cell.angle_beta   90.00
_cell.angle_gamma   120.00
#
_symmetry.space_group_name_H-M   'P 65'
#
loop_
_entity.id
_entity.type
_entity.pdbx_description
1 polymer '1-deoxy-D-xylulose 5-phosphate reductoisomerase'
2 non-polymer NICOTINAMIDE-ADENINE-DINUCLEOTIDE
3 non-polymer 'MAGNESIUM ION'
4 non-polymer '3-[FORMYL(HYDROXY)AMINO]PROPYLPHOSPHONIC ACID'
5 non-polymer GLYCEROL
6 non-polymer '2-[N-CYCLOHEXYLAMINO]ETHANE SULFONIC ACID'
7 water water
#
_entity_poly.entity_id   1
_entity_poly.type   'polypeptide(L)'
_entity_poly.pdbx_seq_one_letter_code
;GPADTLQSLAILGATGSIGDSTLAIIRQHPNRYRIHALTGFSRVDKLLALAMEFHPVKICTSPDNYAQLSQKVTDAGLDT
IILSGDEGLIEIASDEAVDTVVAAIVGAAGLSSTLAAAGAGKRILLANKESLVMAGDLVIKTAKKHGATILPIDSEHNAI
YQCLPAAIQADNTAIHHTSYGIKKLWLTASGGSFLDKSIKQMQNASVKEAVNHPNWSMGQKISIDSATMMNKGLELIEAC
HLFDLKEHQIQVVIHPNSVVHSLVEYVDGSFLAQLGTPDMKTPIAHALAYPERIKSGVMPLDLYQLGSLKFLAPDLDKFA
CLKLARYAARLGTGACIALNTANEIAVEAFLAEKICLTDIAVIVKACLDDKTIAQDYSQDFGDEVLGLERILTMDKKVRK
IATAKIKLLKQGDVL
;
_entity_poly.pdbx_strand_id   A,B
#
loop_
_chem_comp.id
_chem_comp.type
_chem_comp.name
_chem_comp.formula
FOM non-polymer '3-[FORMYL(HYDROXY)AMINO]PROPYLPHOSPHONIC ACID' 'C4 H10 N O5 P'
GOL non-polymer GLYCEROL 'C3 H8 O3'
MG non-polymer 'MAGNESIUM ION' 'Mg 2'
NAD non-polymer NICOTINAMIDE-ADENINE-DINUCLEOTIDE 'C21 H27 N7 O14 P2'
NHE non-polymer '2-[N-CYCLOHEXYLAMINO]ETHANE SULFONIC ACID' 'C8 H17 N O3 S'
#
# COMPACT_ATOMS: atom_id res chain seq x y z
N LEU A 6 27.96 3.62 14.42
CA LEU A 6 27.62 2.89 13.15
C LEU A 6 27.01 1.55 13.45
N GLN A 7 25.92 1.23 12.78
CA GLN A 7 25.30 -0.09 12.90
C GLN A 7 26.25 -1.14 12.30
N SER A 8 26.68 -2.05 13.17
CA SER A 8 27.54 -3.14 12.82
C SER A 8 26.78 -4.23 12.08
N LEU A 9 27.27 -4.64 10.91
CA LEU A 9 26.63 -5.68 10.09
C LEU A 9 27.43 -6.97 9.94
N ALA A 10 26.76 -8.11 10.07
CA ALA A 10 27.30 -9.38 9.60
C ALA A 10 26.47 -9.78 8.42
N ILE A 11 27.10 -10.05 7.29
CA ILE A 11 26.37 -10.50 6.10
C ILE A 11 26.69 -11.96 5.80
N LEU A 12 25.79 -12.84 6.22
CA LEU A 12 25.99 -14.24 6.04
C LEU A 12 25.51 -14.55 4.65
N GLY A 13 26.40 -15.02 3.80
CA GLY A 13 26.03 -15.31 2.40
C GLY A 13 26.33 -14.11 1.53
N ALA A 14 27.42 -13.40 1.84
CA ALA A 14 27.79 -12.13 1.17
C ALA A 14 28.16 -12.20 -0.28
N THR A 15 28.42 -13.38 -0.80
CA THR A 15 28.92 -13.56 -2.17
C THR A 15 27.85 -13.85 -3.15
N GLY A 16 26.64 -14.14 -2.68
CA GLY A 16 25.56 -14.47 -3.60
C GLY A 16 24.79 -13.25 -4.08
N SER A 17 23.64 -13.51 -4.68
CA SER A 17 22.82 -12.49 -5.31
C SER A 17 22.37 -11.44 -4.30
N ILE A 18 21.80 -11.95 -3.20
CA ILE A 18 21.32 -11.12 -2.13
C ILE A 18 22.50 -10.31 -1.58
N GLY A 19 23.63 -10.97 -1.38
CA GLY A 19 24.82 -10.30 -0.90
C GLY A 19 25.28 -9.18 -1.78
N ASP A 20 25.32 -9.42 -3.08
CA ASP A 20 25.62 -8.35 -4.02
C ASP A 20 24.75 -7.11 -3.81
N SER A 21 23.41 -7.30 -3.70
CA SER A 21 22.50 -6.18 -3.57
C SER A 21 22.68 -5.44 -2.28
N THR A 22 22.91 -6.19 -1.18
CA THR A 22 23.14 -5.60 0.14
C THR A 22 24.36 -4.70 0.04
N LEU A 23 25.42 -5.26 -0.48
CA LEU A 23 26.67 -4.52 -0.55
C LEU A 23 26.52 -3.33 -1.43
N ALA A 24 25.69 -3.44 -2.47
CA ALA A 24 25.52 -2.29 -3.39
C ALA A 24 24.91 -1.12 -2.66
N ILE A 25 24.10 -1.41 -1.64
CA ILE A 25 23.52 -0.39 -0.82
C ILE A 25 24.56 0.15 0.18
N ILE A 26 25.34 -0.72 0.80
CA ILE A 26 26.40 -0.27 1.71
C ILE A 26 27.35 0.74 1.03
N ARG A 27 27.69 0.50 -0.23
CA ARG A 27 28.60 1.39 -0.92
C ARG A 27 28.00 2.73 -1.20
N GLN A 28 26.69 2.83 -1.10
CA GLN A 28 26.05 4.10 -1.31
C GLN A 28 25.91 4.85 -0.01
N HIS A 29 26.14 4.14 1.10
CA HIS A 29 25.89 4.69 2.44
C HIS A 29 27.07 4.40 3.33
N PRO A 30 28.22 5.04 3.04
CA PRO A 30 29.49 4.61 3.63
C PRO A 30 29.52 4.81 5.13
N ASN A 31 29.08 5.96 5.62
CA ASN A 31 29.22 6.24 7.05
C ASN A 31 27.95 6.06 7.84
N ARG A 32 27.22 5.01 7.48
CA ARG A 32 25.99 4.63 8.14
C ARG A 32 26.12 3.22 8.73
N TYR A 33 26.82 2.36 8.00
CA TYR A 33 26.93 0.96 8.29
C TYR A 33 28.40 0.60 8.38
N ARG A 34 28.75 -0.28 9.29
CA ARG A 34 30.09 -0.82 9.45
C ARG A 34 30.01 -2.33 9.16
N ILE A 35 30.84 -2.85 8.26
CA ILE A 35 30.87 -4.29 8.02
C ILE A 35 31.73 -5.01 9.05
N HIS A 36 31.16 -5.80 9.90
CA HIS A 36 31.92 -6.54 10.86
C HIS A 36 32.27 -7.91 10.29
N ALA A 37 31.42 -8.51 9.47
CA ALA A 37 31.73 -9.83 8.94
C ALA A 37 31.06 -10.12 7.63
N LEU A 38 31.66 -11.02 6.85
CA LEU A 38 31.15 -11.43 5.53
C LEU A 38 31.44 -12.91 5.41
N THR A 39 30.58 -13.68 4.77
CA THR A 39 30.80 -15.10 4.64
C THR A 39 30.49 -15.57 3.27
N GLY A 40 31.19 -16.62 2.85
CA GLY A 40 31.05 -17.16 1.50
C GLY A 40 31.48 -18.61 1.48
N PHE A 41 30.79 -19.48 0.77
CA PHE A 41 31.09 -20.89 0.85
C PHE A 41 32.15 -21.26 -0.15
N SER A 42 31.89 -21.02 -1.43
CA SER A 42 32.76 -21.51 -2.51
C SER A 42 33.68 -20.45 -3.13
N ARG A 43 33.20 -19.21 -3.26
CA ARG A 43 33.88 -18.24 -4.11
C ARG A 43 34.93 -17.49 -3.30
N VAL A 44 36.06 -18.17 -3.11
CA VAL A 44 37.11 -17.73 -2.22
C VAL A 44 37.70 -16.38 -2.68
N ASP A 45 38.00 -16.27 -3.97
N ASP A 45 37.98 -16.27 -3.98
CA ASP A 45 38.54 -15.03 -4.51
CA ASP A 45 38.49 -15.03 -4.54
C ASP A 45 37.59 -13.83 -4.32
C ASP A 45 37.58 -13.83 -4.32
N LYS A 46 36.28 -14.04 -4.47
CA LYS A 46 35.33 -12.97 -4.33
C LYS A 46 35.25 -12.55 -2.88
N LEU A 47 35.17 -13.52 -2.01
CA LEU A 47 35.29 -13.23 -0.59
C LEU A 47 36.60 -12.47 -0.24
N LEU A 48 37.71 -12.90 -0.78
CA LEU A 48 38.91 -12.12 -0.60
C LEU A 48 38.76 -10.69 -1.09
N ALA A 49 38.32 -10.51 -2.34
CA ALA A 49 38.14 -9.17 -2.91
C ALA A 49 37.26 -8.28 -1.99
N LEU A 50 36.19 -8.88 -1.43
CA LEU A 50 35.34 -8.17 -0.47
C LEU A 50 36.07 -7.83 0.81
N ALA A 51 36.78 -8.80 1.34
CA ALA A 51 37.68 -8.58 2.47
C ALA A 51 38.56 -7.34 2.27
N MET A 52 39.25 -7.28 1.14
CA MET A 52 40.12 -6.13 0.85
C MET A 52 39.36 -4.82 0.70
N GLU A 53 38.14 -4.91 0.18
CA GLU A 53 37.35 -3.73 0.03
C GLU A 53 36.86 -3.22 1.39
N PHE A 54 36.34 -4.10 2.24
CA PHE A 54 35.64 -3.64 3.43
C PHE A 54 36.37 -3.82 4.73
N HIS A 55 37.54 -4.45 4.73
CA HIS A 55 38.35 -4.67 5.97
C HIS A 55 37.47 -5.15 7.12
N PRO A 56 36.78 -6.29 6.93
CA PRO A 56 35.94 -6.83 7.98
C PRO A 56 36.76 -7.41 9.11
N VAL A 57 36.19 -7.42 10.31
CA VAL A 57 36.84 -8.03 11.44
C VAL A 57 36.94 -9.54 11.25
N LYS A 58 35.92 -10.17 10.70
CA LYS A 58 35.93 -11.64 10.55
C LYS A 58 35.32 -12.02 9.24
N ILE A 59 35.77 -13.13 8.69
CA ILE A 59 35.08 -13.74 7.56
C ILE A 59 35.10 -15.24 7.78
N CYS A 60 34.23 -15.96 7.08
CA CYS A 60 34.07 -17.38 7.26
C CYS A 60 33.89 -17.98 5.92
N THR A 61 34.48 -19.13 5.69
CA THR A 61 34.29 -19.87 4.42
C THR A 61 34.06 -21.34 4.70
N SER A 62 33.98 -22.13 3.63
CA SER A 62 33.89 -23.58 3.77
C SER A 62 35.15 -24.18 4.36
N PRO A 63 35.07 -25.36 4.99
CA PRO A 63 36.27 -25.98 5.57
C PRO A 63 37.31 -26.32 4.51
N ASP A 64 36.85 -26.79 3.35
CA ASP A 64 37.70 -27.06 2.23
C ASP A 64 38.55 -25.85 1.78
N ASN A 65 38.09 -24.63 2.04
CA ASN A 65 38.85 -23.45 1.64
C ASN A 65 39.52 -22.66 2.76
N TYR A 66 39.43 -23.13 3.99
CA TYR A 66 39.87 -22.30 5.11
C TYR A 66 41.37 -22.00 4.98
N ALA A 67 42.14 -23.05 4.73
CA ALA A 67 43.60 -22.93 4.61
C ALA A 67 43.96 -22.00 3.47
N GLN A 68 43.41 -22.26 2.29
CA GLN A 68 43.70 -21.44 1.12
C GLN A 68 43.37 -19.97 1.38
N LEU A 69 42.27 -19.71 2.03
CA LEU A 69 41.83 -18.35 2.19
C LEU A 69 42.68 -17.67 3.24
N SER A 70 43.09 -18.42 4.28
CA SER A 70 43.96 -17.86 5.32
C SER A 70 45.30 -17.42 4.77
N GLN A 71 45.87 -18.19 3.86
N GLN A 71 45.87 -18.20 3.85
CA GLN A 71 47.12 -17.81 3.21
CA GLN A 71 47.13 -17.82 3.19
C GLN A 71 46.94 -16.48 2.49
C GLN A 71 46.94 -16.49 2.48
N LYS A 72 45.87 -16.39 1.71
CA LYS A 72 45.61 -15.26 0.86
C LYS A 72 45.31 -13.98 1.61
N VAL A 73 44.72 -14.15 2.78
CA VAL A 73 44.44 -13.00 3.63
C VAL A 73 45.71 -12.50 4.32
N THR A 74 46.57 -13.41 4.78
CA THR A 74 47.85 -12.96 5.36
C THR A 74 48.71 -12.35 4.26
N ASP A 75 48.79 -12.99 3.08
CA ASP A 75 49.50 -12.43 1.90
C ASP A 75 49.07 -11.01 1.52
N ALA A 76 47.81 -10.67 1.71
CA ALA A 76 47.32 -9.34 1.45
C ALA A 76 47.44 -8.37 2.63
N GLY A 77 47.99 -8.85 3.75
CA GLY A 77 48.17 -8.03 4.93
C GLY A 77 46.95 -7.43 5.59
N LEU A 78 45.83 -8.15 5.59
CA LEU A 78 44.66 -7.72 6.34
C LEU A 78 44.71 -8.28 7.76
N ASP A 79 44.14 -7.54 8.71
CA ASP A 79 44.00 -8.00 10.11
C ASP A 79 42.88 -9.04 10.29
N THR A 80 42.12 -9.29 9.22
CA THR A 80 40.90 -10.09 9.26
C THR A 80 41.04 -11.50 9.86
N ILE A 81 40.21 -11.80 10.88
CA ILE A 81 40.07 -13.16 11.41
C ILE A 81 39.31 -14.08 10.44
N ILE A 82 39.85 -15.27 10.18
CA ILE A 82 39.20 -16.19 9.26
C ILE A 82 38.60 -17.29 10.09
N LEU A 83 37.42 -17.76 9.67
CA LEU A 83 36.65 -18.78 10.35
C LEU A 83 36.20 -19.80 9.32
N SER A 84 35.75 -20.96 9.74
CA SER A 84 35.19 -21.91 8.77
C SER A 84 34.00 -22.67 9.27
N GLY A 85 33.26 -23.27 8.35
CA GLY A 85 32.07 -24.08 8.68
C GLY A 85 30.98 -23.46 9.54
N ASP A 86 30.07 -24.32 9.96
CA ASP A 86 28.92 -23.89 10.73
C ASP A 86 29.35 -23.24 12.03
N GLU A 87 30.48 -23.68 12.52
CA GLU A 87 30.99 -23.18 13.75
C GLU A 87 31.30 -21.70 13.59
N GLY A 88 31.87 -21.34 12.44
CA GLY A 88 32.19 -19.96 12.11
C GLY A 88 30.97 -19.08 11.95
N LEU A 89 29.93 -19.62 11.33
CA LEU A 89 28.72 -18.89 11.11
C LEU A 89 28.02 -18.58 12.44
N ILE A 90 27.98 -19.57 13.32
CA ILE A 90 27.35 -19.41 14.63
C ILE A 90 28.05 -18.30 15.40
N GLU A 91 29.37 -18.30 15.34
CA GLU A 91 30.16 -17.28 15.99
C GLU A 91 29.87 -15.88 15.50
N ILE A 92 29.84 -15.71 14.19
CA ILE A 92 29.59 -14.42 13.60
C ILE A 92 28.18 -13.98 13.92
N ALA A 93 27.24 -14.92 13.81
CA ALA A 93 25.84 -14.63 14.10
C ALA A 93 25.55 -14.24 15.54
N SER A 94 26.38 -14.68 16.50
CA SER A 94 26.16 -14.35 17.92
C SER A 94 27.19 -13.40 18.49
N ASP A 95 28.01 -12.84 17.63
CA ASP A 95 29.12 -12.03 18.02
C ASP A 95 28.62 -10.81 18.78
N GLU A 96 29.22 -10.57 19.94
CA GLU A 96 28.81 -9.48 20.83
C GLU A 96 28.92 -8.15 20.09
N ALA A 97 29.80 -8.07 19.11
CA ALA A 97 30.06 -6.81 18.40
C ALA A 97 29.19 -6.55 17.18
N VAL A 98 28.36 -7.52 16.82
CA VAL A 98 27.46 -7.42 15.66
C VAL A 98 26.08 -6.92 16.09
N ASP A 99 25.59 -5.87 15.45
CA ASP A 99 24.21 -5.42 15.66
C ASP A 99 23.24 -6.19 14.77
N THR A 100 23.56 -6.31 13.49
CA THR A 100 22.58 -6.75 12.52
C THR A 100 23.08 -7.89 11.67
N VAL A 101 22.26 -8.91 11.47
CA VAL A 101 22.66 -10.03 10.66
C VAL A 101 21.75 -10.10 9.49
N VAL A 102 22.34 -10.19 8.31
CA VAL A 102 21.63 -10.40 7.09
C VAL A 102 21.78 -11.90 6.81
N ALA A 103 20.68 -12.63 6.89
CA ALA A 103 20.69 -14.06 6.78
C ALA A 103 20.49 -14.43 5.35
N ALA A 104 21.54 -14.57 4.54
CA ALA A 104 21.36 -14.87 3.10
C ALA A 104 22.03 -16.12 2.63
N ILE A 105 22.25 -17.07 3.54
CA ILE A 105 22.73 -18.38 3.16
C ILE A 105 21.56 -19.09 2.55
N VAL A 106 21.72 -19.75 1.42
CA VAL A 106 20.60 -20.48 0.81
C VAL A 106 20.35 -21.83 1.49
N GLY A 107 19.09 -22.22 1.54
CA GLY A 107 18.66 -23.56 1.96
C GLY A 107 18.74 -23.79 3.45
N ALA A 108 18.83 -25.06 3.82
CA ALA A 108 18.90 -25.49 5.20
C ALA A 108 20.24 -25.12 5.78
N ALA A 109 21.25 -24.99 4.92
CA ALA A 109 22.56 -24.60 5.42
C ALA A 109 22.53 -23.31 6.25
N GLY A 110 21.48 -22.50 6.13
CA GLY A 110 21.40 -21.24 6.87
C GLY A 110 20.67 -21.28 8.19
N LEU A 111 20.20 -22.45 8.55
CA LEU A 111 19.35 -22.59 9.72
C LEU A 111 20.06 -22.34 11.06
N SER A 112 21.20 -22.96 11.28
CA SER A 112 21.83 -22.86 12.59
C SER A 112 22.31 -21.46 12.91
N SER A 113 22.84 -20.75 11.93
CA SER A 113 23.27 -19.39 12.17
C SER A 113 22.09 -18.43 12.30
N THR A 114 21.00 -18.70 11.58
CA THR A 114 19.79 -17.93 11.80
C THR A 114 19.33 -18.08 13.25
N LEU A 115 19.35 -19.29 13.79
CA LEU A 115 19.00 -19.50 15.17
C LEU A 115 19.95 -18.84 16.13
N ALA A 116 21.24 -19.03 15.92
CA ALA A 116 22.25 -18.38 16.74
C ALA A 116 21.98 -16.88 16.82
N ALA A 117 21.68 -16.27 15.69
CA ALA A 117 21.32 -14.86 15.66
C ALA A 117 20.02 -14.57 16.47
N ALA A 118 18.99 -15.40 16.32
CA ALA A 118 17.80 -15.20 17.15
C ALA A 118 18.15 -15.42 18.63
N GLY A 119 18.99 -16.41 18.91
CA GLY A 119 19.40 -16.73 20.28
C GLY A 119 20.17 -15.60 20.95
N ALA A 120 20.83 -14.78 20.13
CA ALA A 120 21.72 -13.72 20.58
C ALA A 120 21.01 -12.39 20.62
N GLY A 121 19.78 -12.40 20.13
CA GLY A 121 18.94 -11.26 20.21
C GLY A 121 19.31 -10.23 19.18
N LYS A 122 19.55 -10.64 17.95
CA LYS A 122 20.04 -9.67 17.00
C LYS A 122 18.90 -9.10 16.18
N ARG A 123 19.18 -8.02 15.47
CA ARG A 123 18.32 -7.60 14.39
C ARG A 123 18.66 -8.45 13.21
N ILE A 124 17.70 -9.17 12.68
CA ILE A 124 17.95 -10.13 11.62
C ILE A 124 17.16 -9.74 10.38
N LEU A 125 17.85 -9.63 9.25
CA LEU A 125 17.25 -9.34 7.98
C LEU A 125 17.21 -10.63 7.18
N LEU A 126 16.01 -11.17 7.00
CA LEU A 126 15.87 -12.53 6.56
C LEU A 126 15.62 -12.64 5.09
N ALA A 127 16.55 -13.24 4.38
CA ALA A 127 16.34 -13.54 2.98
C ALA A 127 16.05 -15.00 2.95
N ASN A 128 16.93 -15.71 3.60
CA ASN A 128 16.92 -17.15 3.75
C ASN A 128 15.59 -17.70 4.30
N LYS A 129 14.71 -18.04 3.39
CA LYS A 129 13.31 -18.45 3.72
C LYS A 129 13.24 -19.92 4.16
N GLU A 130 14.14 -20.76 3.64
CA GLU A 130 14.24 -22.12 4.10
C GLU A 130 14.43 -22.21 5.63
N SER A 131 15.00 -21.19 6.25
CA SER A 131 15.05 -21.18 7.72
C SER A 131 13.70 -21.23 8.44
N LEU A 132 12.75 -20.46 7.93
CA LEU A 132 11.43 -20.41 8.50
C LEU A 132 10.55 -21.60 8.06
N VAL A 133 10.67 -22.05 6.81
CA VAL A 133 9.94 -23.23 6.35
C VAL A 133 10.31 -24.45 7.17
N MET A 134 11.55 -24.51 7.66
CA MET A 134 12.02 -25.67 8.42
C MET A 134 12.01 -25.54 9.92
N ALA A 135 12.10 -24.34 10.44
CA ALA A 135 12.23 -24.17 11.86
C ALA A 135 11.50 -22.94 12.33
N GLY A 136 10.40 -22.65 11.66
CA GLY A 136 9.64 -21.46 11.95
C GLY A 136 9.31 -21.31 13.41
N ASP A 137 8.69 -22.32 14.02
CA ASP A 137 8.27 -22.16 15.41
C ASP A 137 9.48 -21.90 16.24
N LEU A 138 10.54 -22.66 15.99
CA LEU A 138 11.75 -22.60 16.81
C LEU A 138 12.42 -21.26 16.68
N VAL A 139 12.50 -20.77 15.45
CA VAL A 139 13.13 -19.49 15.20
C VAL A 139 12.36 -18.34 15.87
N ILE A 140 11.07 -18.27 15.59
CA ILE A 140 10.23 -17.20 16.14
C ILE A 140 10.20 -17.25 17.67
N LYS A 141 9.96 -18.46 18.20
CA LYS A 141 9.93 -18.64 19.67
C LYS A 141 11.24 -18.12 20.23
N THR A 142 12.36 -18.62 19.68
CA THR A 142 13.70 -18.25 20.14
C THR A 142 13.96 -16.74 20.06
N ALA A 143 13.56 -16.17 18.93
CA ALA A 143 13.61 -14.70 18.75
C ALA A 143 12.82 -13.93 19.79
N LYS A 144 11.56 -14.33 20.00
CA LYS A 144 10.72 -13.67 21.00
C LYS A 144 11.32 -13.74 22.39
N LYS A 145 11.77 -14.92 22.74
CA LYS A 145 12.42 -15.17 24.02
C LYS A 145 13.66 -14.28 24.22
N HIS A 146 14.46 -14.03 23.20
CA HIS A 146 15.70 -13.29 23.43
C HIS A 146 15.75 -11.84 22.96
N GLY A 147 14.66 -11.35 22.39
CA GLY A 147 14.63 -9.96 21.98
C GLY A 147 15.20 -9.72 20.61
N ALA A 148 15.20 -10.75 19.77
CA ALA A 148 15.59 -10.59 18.40
C ALA A 148 14.40 -10.05 17.63
N THR A 149 14.69 -9.20 16.65
CA THR A 149 13.72 -8.60 15.75
C THR A 149 14.01 -9.21 14.42
N ILE A 150 12.99 -9.64 13.71
CA ILE A 150 13.17 -10.19 12.39
C ILE A 150 12.47 -9.28 11.43
N LEU A 151 13.20 -8.83 10.41
CA LEU A 151 12.65 -8.10 9.29
C LEU A 151 12.85 -8.83 8.00
N PRO A 152 11.79 -9.04 7.27
CA PRO A 152 11.93 -9.78 6.05
C PRO A 152 12.45 -8.95 4.88
N ILE A 153 13.29 -9.61 4.10
CA ILE A 153 13.98 -9.08 2.95
C ILE A 153 13.32 -9.62 1.74
N ASP A 154 12.78 -10.84 1.84
CA ASP A 154 12.04 -11.41 0.76
C ASP A 154 10.96 -10.37 0.28
N SER A 155 10.86 -10.19 -1.02
CA SER A 155 10.05 -9.12 -1.62
C SER A 155 8.60 -9.10 -1.14
N GLU A 156 7.94 -10.23 -1.33
CA GLU A 156 6.55 -10.38 -0.92
C GLU A 156 6.38 -10.11 0.55
N HIS A 157 7.25 -10.64 1.39
CA HIS A 157 7.10 -10.47 2.82
C HIS A 157 7.45 -9.06 3.22
N ASN A 158 8.40 -8.45 2.51
CA ASN A 158 8.76 -7.12 2.81
C ASN A 158 7.58 -6.22 2.45
N ALA A 159 6.98 -6.45 1.28
CA ALA A 159 5.75 -5.73 0.87
C ALA A 159 4.66 -5.80 1.92
N ILE A 160 4.27 -7.02 2.26
CA ILE A 160 3.28 -7.22 3.32
C ILE A 160 3.68 -6.46 4.58
N TYR A 161 4.93 -6.57 4.96
CA TYR A 161 5.36 -5.93 6.19
C TYR A 161 5.17 -4.39 6.12
N GLN A 162 5.55 -3.82 4.98
CA GLN A 162 5.37 -2.41 4.74
C GLN A 162 3.89 -2.00 4.75
N CYS A 163 3.01 -2.92 4.40
CA CYS A 163 1.60 -2.68 4.34
C CYS A 163 0.81 -3.03 5.64
N LEU A 164 1.50 -3.20 6.77
CA LEU A 164 0.91 -3.62 8.03
C LEU A 164 1.04 -2.50 9.05
N PRO A 165 0.10 -2.42 9.99
CA PRO A 165 0.24 -1.28 10.89
C PRO A 165 1.47 -1.45 11.77
N ALA A 166 1.93 -0.38 12.40
CA ALA A 166 3.18 -0.42 13.18
C ALA A 166 3.20 -1.49 14.26
N ALA A 167 2.19 -1.45 15.11
CA ALA A 167 2.03 -2.42 16.18
C ALA A 167 2.22 -3.89 15.75
N ILE A 168 1.81 -4.23 14.53
CA ILE A 168 1.96 -5.61 13.99
C ILE A 168 3.35 -5.88 13.40
N GLN A 169 4.03 -4.83 12.99
CA GLN A 169 5.49 -4.92 12.63
C GLN A 169 6.29 -5.21 13.92
N ALA A 170 6.01 -4.45 14.99
CA ALA A 170 6.62 -4.67 16.30
C ALA A 170 6.31 -6.07 16.84
N ASP A 171 5.03 -6.39 17.01
CA ASP A 171 4.61 -7.66 17.59
C ASP A 171 3.61 -8.40 16.69
N ASN A 172 4.07 -9.45 16.02
CA ASN A 172 3.21 -10.11 15.03
C ASN A 172 1.91 -10.75 15.56
N THR A 173 1.83 -10.94 16.88
CA THR A 173 0.65 -11.55 17.49
C THR A 173 -0.50 -10.58 17.59
N ALA A 174 -0.17 -9.28 17.61
CA ALA A 174 -1.14 -8.20 17.55
C ALA A 174 -2.10 -8.32 16.37
N ILE A 175 -1.72 -9.04 15.32
CA ILE A 175 -2.59 -9.26 14.16
C ILE A 175 -3.86 -10.05 14.45
N HIS A 176 -4.00 -10.63 15.63
CA HIS A 176 -5.24 -11.36 15.92
C HIS A 176 -6.23 -10.48 16.64
N HIS A 177 -5.81 -9.30 17.04
CA HIS A 177 -6.70 -8.31 17.61
C HIS A 177 -7.50 -7.75 16.43
N THR A 178 -8.83 -7.89 16.48
CA THR A 178 -9.66 -7.69 15.30
C THR A 178 -9.84 -6.21 14.96
N SER A 179 -9.57 -5.32 15.93
CA SER A 179 -9.40 -3.88 15.69
C SER A 179 -8.59 -3.50 14.47
N TYR A 180 -7.48 -4.19 14.25
CA TYR A 180 -6.61 -3.86 13.16
C TYR A 180 -7.22 -4.25 11.85
N GLY A 181 -8.18 -5.14 11.88
CA GLY A 181 -8.97 -5.43 10.71
C GLY A 181 -8.27 -6.13 9.59
N ILE A 182 -7.24 -6.94 9.87
CA ILE A 182 -6.58 -7.70 8.78
C ILE A 182 -7.48 -8.86 8.39
N LYS A 183 -7.77 -9.01 7.09
CA LYS A 183 -8.62 -10.07 6.65
C LYS A 183 -7.82 -11.18 6.17
N LYS A 184 -6.96 -10.89 5.19
CA LYS A 184 -6.09 -11.90 4.64
C LYS A 184 -4.90 -11.29 3.92
N LEU A 185 -3.89 -12.12 3.63
CA LEU A 185 -2.67 -11.65 2.94
C LEU A 185 -2.68 -12.22 1.55
N TRP A 186 -2.28 -11.43 0.57
CA TRP A 186 -2.23 -11.90 -0.81
C TRP A 186 -0.77 -11.91 -1.28
N LEU A 187 -0.26 -13.09 -1.64
CA LEU A 187 1.10 -13.22 -2.20
C LEU A 187 1.02 -13.17 -3.70
N THR A 188 1.73 -12.24 -4.31
CA THR A 188 1.84 -12.17 -5.78
C THR A 188 2.91 -13.19 -6.27
N ALA A 189 2.70 -13.76 -7.45
CA ALA A 189 3.59 -14.72 -8.03
C ALA A 189 3.74 -14.42 -9.50
N SER A 190 4.99 -14.38 -10.00
CA SER A 190 5.21 -14.06 -11.41
C SER A 190 4.64 -15.12 -12.31
N GLY A 191 4.50 -16.33 -11.79
CA GLY A 191 4.12 -17.45 -12.61
C GLY A 191 5.32 -18.09 -13.27
N GLY A 192 6.49 -17.45 -13.13
CA GLY A 192 7.76 -17.92 -13.69
C GLY A 192 7.86 -18.05 -15.20
N SER A 193 8.97 -18.64 -15.66
CA SER A 193 9.27 -18.84 -17.09
C SER A 193 8.28 -19.67 -17.89
N PHE A 194 7.39 -20.42 -17.24
CA PHE A 194 6.51 -21.32 -18.00
C PHE A 194 5.04 -21.05 -17.81
N LEU A 195 4.71 -19.99 -17.07
CA LEU A 195 3.34 -19.57 -16.89
C LEU A 195 2.53 -19.74 -18.19
N ASP A 196 3.06 -19.16 -19.27
CA ASP A 196 2.33 -19.06 -20.51
C ASP A 196 2.82 -20.09 -21.52
N LYS A 197 2.97 -21.32 -21.06
CA LYS A 197 3.49 -22.44 -21.86
C LYS A 197 2.79 -23.72 -21.42
N SER A 198 2.78 -24.72 -22.30
CA SER A 198 2.11 -26.00 -22.02
C SER A 198 2.79 -26.81 -20.90
N ILE A 199 1.99 -27.62 -20.20
CA ILE A 199 2.52 -28.69 -19.34
C ILE A 199 3.65 -29.44 -20.07
N LYS A 200 3.28 -29.87 -21.28
CA LYS A 200 4.15 -30.60 -22.18
C LYS A 200 5.49 -29.89 -22.35
N GLN A 201 5.45 -28.57 -22.51
CA GLN A 201 6.69 -27.80 -22.74
C GLN A 201 7.57 -27.62 -21.48
N MET A 202 6.96 -27.72 -20.29
CA MET A 202 7.72 -27.70 -19.04
C MET A 202 8.47 -29.02 -18.88
N GLN A 203 7.79 -30.14 -19.15
CA GLN A 203 8.42 -31.46 -19.20
C GLN A 203 9.84 -31.39 -19.80
N ASN A 204 9.97 -30.77 -20.98
CA ASN A 204 11.20 -30.79 -21.76
C ASN A 204 12.11 -29.60 -21.50
N ALA A 205 11.83 -28.86 -20.45
CA ALA A 205 12.59 -27.66 -20.15
C ALA A 205 14.09 -27.96 -19.96
N SER A 206 14.92 -27.18 -20.63
CA SER A 206 16.32 -27.14 -20.31
C SER A 206 16.53 -26.36 -19.02
N VAL A 207 17.64 -26.65 -18.35
CA VAL A 207 18.05 -25.87 -17.18
C VAL A 207 18.18 -24.37 -17.50
N LYS A 208 18.75 -24.06 -18.68
CA LYS A 208 18.86 -22.69 -19.23
C LYS A 208 17.47 -21.98 -19.24
N GLU A 209 16.42 -22.65 -19.76
CA GLU A 209 15.04 -22.12 -19.73
C GLU A 209 14.55 -21.84 -18.31
N ALA A 210 14.56 -22.87 -17.47
CA ALA A 210 14.06 -22.80 -16.12
C ALA A 210 14.83 -21.80 -15.24
N VAL A 211 16.14 -21.73 -15.42
CA VAL A 211 16.99 -20.93 -14.53
C VAL A 211 16.86 -19.44 -14.80
N ASN A 212 16.50 -19.06 -16.02
CA ASN A 212 16.46 -17.65 -16.39
C ASN A 212 15.02 -17.11 -16.34
N HIS A 213 14.88 -16.00 -15.62
CA HIS A 213 13.59 -15.49 -15.23
C HIS A 213 13.37 -14.17 -15.95
N PRO A 214 12.18 -13.95 -16.54
CA PRO A 214 11.90 -12.69 -17.27
C PRO A 214 12.22 -11.39 -16.52
N ASN A 215 11.85 -11.30 -15.25
CA ASN A 215 11.98 -10.09 -14.43
C ASN A 215 13.03 -10.00 -13.35
N TRP A 216 13.55 -11.12 -12.89
CA TRP A 216 14.44 -11.15 -11.74
C TRP A 216 15.76 -11.84 -12.11
N SER A 217 16.85 -11.38 -11.50
CA SER A 217 18.13 -12.09 -11.50
C SER A 217 18.44 -12.57 -10.10
N MET A 218 18.58 -13.88 -9.92
CA MET A 218 18.68 -14.45 -8.59
C MET A 218 19.62 -15.64 -8.59
N GLY A 219 19.80 -16.25 -7.42
CA GLY A 219 20.54 -17.50 -7.33
C GLY A 219 19.84 -18.57 -8.16
N GLN A 220 20.50 -19.72 -8.27
CA GLN A 220 20.00 -20.81 -9.08
C GLN A 220 18.78 -21.50 -8.50
N LYS A 221 18.79 -21.66 -7.18
CA LYS A 221 17.74 -22.45 -6.50
C LYS A 221 16.33 -21.76 -6.53
N ILE A 222 16.26 -20.57 -5.93
CA ILE A 222 15.10 -19.70 -5.99
C ILE A 222 14.69 -19.54 -7.44
N SER A 223 15.64 -19.45 -8.35
CA SER A 223 15.25 -19.36 -9.73
C SER A 223 14.39 -20.55 -10.15
N ILE A 224 14.81 -21.76 -9.84
CA ILE A 224 14.07 -22.97 -10.28
C ILE A 224 12.72 -23.11 -9.56
N ASP A 225 12.76 -22.79 -8.27
CA ASP A 225 11.58 -22.74 -7.47
C ASP A 225 10.50 -21.78 -8.01
N SER A 226 10.93 -20.72 -8.68
CA SER A 226 10.00 -19.80 -9.30
C SER A 226 9.37 -20.44 -10.54
N ALA A 227 10.19 -21.09 -11.36
CA ALA A 227 9.68 -21.86 -12.51
C ALA A 227 8.57 -22.88 -12.16
N THR A 228 8.70 -23.61 -11.04
CA THR A 228 7.72 -24.67 -10.62
C THR A 228 6.64 -24.12 -9.70
N MET A 229 6.88 -22.91 -9.19
CA MET A 229 6.01 -22.24 -8.26
C MET A 229 6.12 -22.77 -6.83
N MET A 230 7.07 -23.65 -6.59
CA MET A 230 7.40 -24.00 -5.24
C MET A 230 7.88 -22.79 -4.43
N ASN A 231 8.46 -21.77 -5.09
CA ASN A 231 8.91 -20.57 -4.37
C ASN A 231 7.74 -19.89 -3.62
N LYS A 232 6.57 -19.87 -4.26
CA LYS A 232 5.40 -19.33 -3.61
C LYS A 232 4.94 -20.22 -2.48
N GLY A 233 5.07 -21.53 -2.67
CA GLY A 233 4.78 -22.52 -1.65
C GLY A 233 5.52 -22.22 -0.40
N LEU A 234 6.80 -21.97 -0.56
CA LEU A 234 7.70 -21.80 0.58
C LEU A 234 7.40 -20.47 1.21
N GLU A 235 7.13 -19.50 0.33
CA GLU A 235 6.79 -18.17 0.77
C GLU A 235 5.49 -18.18 1.58
N LEU A 236 4.60 -19.06 1.17
CA LEU A 236 3.36 -19.28 1.91
C LEU A 236 3.67 -19.73 3.35
N ILE A 237 4.55 -20.70 3.51
CA ILE A 237 4.88 -21.15 4.84
C ILE A 237 5.66 -20.10 5.61
N GLU A 238 6.61 -19.42 4.95
CA GLU A 238 7.33 -18.27 5.53
C GLU A 238 6.36 -17.24 6.09
N ALA A 239 5.36 -16.89 5.30
CA ALA A 239 4.37 -15.90 5.72
C ALA A 239 3.58 -16.31 6.98
N CYS A 240 3.17 -17.57 7.03
CA CYS A 240 2.53 -18.08 8.23
C CYS A 240 3.35 -17.82 9.48
N HIS A 241 4.63 -18.15 9.48
CA HIS A 241 5.45 -17.89 10.67
C HIS A 241 5.70 -16.42 10.88
N LEU A 242 5.97 -15.69 9.81
CA LEU A 242 6.36 -14.30 10.01
C LEU A 242 5.23 -13.49 10.59
N PHE A 243 4.04 -13.73 10.05
CA PHE A 243 2.90 -12.91 10.38
C PHE A 243 1.89 -13.61 11.29
N ASP A 244 2.28 -14.78 11.77
CA ASP A 244 1.58 -15.50 12.80
C ASP A 244 0.14 -15.87 12.41
N LEU A 245 -0.01 -16.39 11.18
CA LEU A 245 -1.28 -16.80 10.63
C LEU A 245 -1.23 -18.24 10.16
N LYS A 246 -2.37 -18.78 9.73
CA LYS A 246 -2.45 -20.12 9.11
C LYS A 246 -2.70 -19.97 7.63
N GLU A 247 -2.50 -21.02 6.86
CA GLU A 247 -2.49 -20.88 5.42
C GLU A 247 -3.81 -20.42 4.81
N HIS A 248 -4.93 -20.73 5.45
CA HIS A 248 -6.24 -20.32 4.89
C HIS A 248 -6.31 -18.80 4.76
N GLN A 249 -5.70 -18.09 5.71
CA GLN A 249 -5.56 -16.65 5.65
C GLN A 249 -4.57 -16.05 4.62
N ILE A 250 -3.85 -16.86 3.86
CA ILE A 250 -2.90 -16.35 2.89
C ILE A 250 -3.19 -16.94 1.55
N GLN A 251 -3.54 -16.11 0.58
N GLN A 251 -3.56 -16.11 0.58
CA GLN A 251 -3.90 -16.59 -0.75
CA GLN A 251 -3.92 -16.59 -0.75
C GLN A 251 -2.88 -16.11 -1.75
C GLN A 251 -2.89 -16.11 -1.75
N VAL A 252 -2.92 -16.68 -2.96
CA VAL A 252 -1.93 -16.43 -3.96
C VAL A 252 -2.60 -16.02 -5.22
N VAL A 253 -2.08 -14.94 -5.81
CA VAL A 253 -2.51 -14.45 -7.10
C VAL A 253 -1.32 -14.42 -8.07
N ILE A 254 -1.52 -14.92 -9.28
CA ILE A 254 -0.55 -14.76 -10.33
C ILE A 254 -0.58 -13.34 -10.91
N HIS A 255 0.61 -12.76 -11.02
CA HIS A 255 0.84 -11.42 -11.50
C HIS A 255 2.13 -11.44 -12.27
N PRO A 256 2.08 -11.58 -13.61
CA PRO A 256 3.33 -11.74 -14.41
C PRO A 256 4.27 -10.55 -14.50
N ASN A 257 3.77 -9.34 -14.34
CA ASN A 257 4.61 -8.14 -14.50
C ASN A 257 5.65 -7.94 -13.38
N SER A 258 5.45 -8.60 -12.25
CA SER A 258 6.31 -8.45 -11.06
C SER A 258 6.43 -7.01 -10.52
N VAL A 259 5.36 -6.24 -10.72
CA VAL A 259 5.30 -4.88 -10.22
C VAL A 259 4.62 -4.80 -8.87
N VAL A 260 3.45 -5.41 -8.76
CA VAL A 260 2.78 -5.52 -7.49
C VAL A 260 3.38 -6.68 -6.74
N HIS A 261 4.00 -6.40 -5.59
CA HIS A 261 4.71 -7.44 -4.87
C HIS A 261 3.97 -8.21 -3.77
N SER A 262 2.80 -7.75 -3.39
CA SER A 262 1.89 -8.49 -2.51
C SER A 262 0.92 -7.48 -1.96
N LEU A 263 -0.15 -7.98 -1.32
CA LEU A 263 -1.15 -7.12 -0.74
C LEU A 263 -1.62 -7.59 0.62
N VAL A 264 -2.15 -6.64 1.39
CA VAL A 264 -2.84 -6.91 2.59
C VAL A 264 -4.25 -6.38 2.48
N GLU A 265 -5.22 -7.30 2.54
CA GLU A 265 -6.64 -7.01 2.51
C GLU A 265 -7.20 -6.77 3.89
N TYR A 266 -7.83 -5.62 4.08
CA TYR A 266 -8.52 -5.21 5.30
C TYR A 266 -10.06 -5.37 5.23
N VAL A 267 -10.70 -5.33 6.39
CA VAL A 267 -12.12 -5.65 6.51
C VAL A 267 -13.04 -4.62 5.91
N ASP A 268 -12.59 -3.37 5.83
CA ASP A 268 -13.34 -2.29 5.18
C ASP A 268 -13.24 -2.28 3.67
N GLY A 269 -12.49 -3.19 3.10
CA GLY A 269 -12.36 -3.28 1.67
C GLY A 269 -11.04 -2.79 1.11
N SER A 270 -10.21 -2.15 1.93
CA SER A 270 -8.89 -1.65 1.54
C SER A 270 -7.86 -2.78 1.30
N PHE A 271 -7.24 -2.79 0.11
CA PHE A 271 -6.08 -3.62 -0.19
C PHE A 271 -4.89 -2.64 -0.18
N LEU A 272 -4.00 -2.79 0.80
CA LEU A 272 -2.69 -2.11 0.78
C LEU A 272 -1.70 -2.99 0.09
N ALA A 273 -1.03 -2.43 -0.90
CA ALA A 273 -0.05 -3.16 -1.68
C ALA A 273 1.24 -2.36 -1.77
N GLN A 274 2.37 -3.09 -1.91
CA GLN A 274 3.68 -2.50 -2.28
C GLN A 274 3.95 -2.76 -3.76
N LEU A 275 4.19 -1.68 -4.50
CA LEU A 275 4.60 -1.76 -5.91
C LEU A 275 6.07 -1.23 -6.03
N GLY A 276 6.74 -1.63 -7.11
CA GLY A 276 8.11 -1.20 -7.34
C GLY A 276 8.74 -1.97 -8.48
N THR A 277 9.91 -1.53 -8.94
CA THR A 277 10.53 -2.30 -9.98
C THR A 277 11.03 -3.48 -9.20
N PRO A 278 11.04 -4.65 -9.82
CA PRO A 278 11.50 -5.86 -9.18
C PRO A 278 13.06 -5.90 -9.07
N ASP A 279 13.57 -5.44 -7.93
CA ASP A 279 14.92 -5.23 -7.66
C ASP A 279 15.06 -5.36 -6.18
N MET A 280 15.79 -6.35 -5.70
CA MET A 280 15.85 -6.60 -4.27
C MET A 280 16.51 -5.51 -3.45
N LYS A 281 17.14 -4.51 -4.07
CA LYS A 281 17.67 -3.40 -3.29
C LYS A 281 16.58 -2.62 -2.55
N THR A 282 15.37 -2.60 -3.10
CA THR A 282 14.27 -1.89 -2.43
C THR A 282 13.97 -2.51 -1.07
N PRO A 283 13.60 -3.79 -1.02
CA PRO A 283 13.33 -4.39 0.28
C PRO A 283 14.52 -4.45 1.21
N ILE A 284 15.73 -4.62 0.66
CA ILE A 284 16.91 -4.69 1.52
C ILE A 284 17.07 -3.32 2.14
N ALA A 285 17.00 -2.29 1.32
CA ALA A 285 17.16 -0.93 1.79
C ALA A 285 16.14 -0.59 2.89
N HIS A 286 14.88 -0.95 2.66
CA HIS A 286 13.81 -0.76 3.63
C HIS A 286 14.14 -1.47 4.93
N ALA A 287 14.58 -2.72 4.83
CA ALA A 287 14.87 -3.47 6.00
C ALA A 287 16.12 -2.96 6.75
N LEU A 288 17.15 -2.52 6.01
CA LEU A 288 18.34 -1.96 6.62
C LEU A 288 18.08 -0.70 7.40
N ALA A 289 17.33 0.22 6.83
CA ALA A 289 17.19 1.50 7.48
C ALA A 289 16.04 1.55 8.46
N TYR A 290 15.17 0.54 8.46
CA TYR A 290 13.95 0.58 9.27
C TYR A 290 14.24 1.02 10.70
N PRO A 291 13.42 1.88 11.31
CA PRO A 291 12.19 2.43 10.78
C PRO A 291 12.37 3.67 9.86
N GLU A 292 13.61 4.07 9.63
CA GLU A 292 13.88 5.11 8.66
C GLU A 292 13.89 4.55 7.23
N ARG A 293 14.10 5.44 6.26
CA ARG A 293 14.27 5.04 4.88
C ARG A 293 15.43 5.79 4.27
N ILE A 294 16.00 5.20 3.22
CA ILE A 294 17.21 5.68 2.58
C ILE A 294 17.13 5.36 1.09
N LYS A 295 17.83 6.13 0.28
CA LYS A 295 17.95 5.81 -1.15
C LYS A 295 18.52 4.42 -1.34
N SER A 296 18.00 3.66 -2.30
CA SER A 296 18.43 2.30 -2.53
C SER A 296 19.27 2.12 -3.81
N GLY A 297 19.26 3.10 -4.70
CA GLY A 297 19.94 2.95 -5.98
C GLY A 297 19.16 2.19 -7.02
N VAL A 298 17.89 1.90 -6.79
CA VAL A 298 17.11 1.25 -7.83
CA VAL A 298 17.07 1.27 -7.80
C VAL A 298 16.69 2.34 -8.81
N MET A 299 16.38 1.90 -10.02
CA MET A 299 15.75 2.77 -10.96
C MET A 299 14.26 2.69 -10.66
N PRO A 300 13.62 3.82 -10.27
CA PRO A 300 12.22 3.67 -9.79
C PRO A 300 11.27 3.28 -10.88
N LEU A 301 10.21 2.61 -10.49
CA LEU A 301 9.15 2.27 -11.41
C LEU A 301 8.62 3.55 -12.07
N ASP A 302 8.47 3.51 -13.39
CA ASP A 302 7.83 4.59 -14.15
C ASP A 302 6.37 4.23 -14.48
N LEU A 303 5.42 4.87 -13.78
CA LEU A 303 4.01 4.50 -13.90
C LEU A 303 3.47 4.84 -15.27
N TYR A 304 4.00 5.86 -15.92
CA TYR A 304 3.59 6.14 -17.29
C TYR A 304 3.86 4.96 -18.29
N GLN A 305 4.97 4.22 -18.13
CA GLN A 305 5.31 3.20 -19.12
C GLN A 305 4.91 1.78 -18.69
N LEU A 306 3.95 1.68 -17.79
CA LEU A 306 3.65 0.41 -17.17
C LEU A 306 2.90 -0.47 -18.14
N GLY A 307 1.88 0.09 -18.75
CA GLY A 307 1.08 -0.62 -19.70
C GLY A 307 -0.07 -1.20 -18.93
N SER A 308 -0.16 -2.53 -18.90
CA SER A 308 -1.24 -3.18 -18.21
C SER A 308 -0.68 -4.25 -17.28
N LEU A 309 -1.06 -4.17 -16.01
CA LEU A 309 -0.69 -5.12 -15.01
C LEU A 309 -1.75 -6.20 -14.97
N LYS A 310 -1.35 -7.46 -15.16
CA LYS A 310 -2.31 -8.57 -15.24
C LYS A 310 -2.37 -9.34 -13.93
N PHE A 311 -3.55 -9.93 -13.71
CA PHE A 311 -3.85 -10.71 -12.55
C PHE A 311 -4.70 -11.87 -12.98
N LEU A 312 -4.56 -12.99 -12.27
CA LEU A 312 -4.90 -14.28 -12.79
C LEU A 312 -4.91 -15.25 -11.62
N ALA A 313 -5.88 -16.15 -11.57
CA ALA A 313 -5.90 -17.18 -10.53
C ALA A 313 -4.83 -18.23 -10.83
N PRO A 314 -4.23 -18.81 -9.79
CA PRO A 314 -3.23 -19.85 -10.03
C PRO A 314 -3.86 -21.06 -10.67
N ASP A 315 -3.15 -21.68 -11.60
CA ASP A 315 -3.52 -22.96 -12.21
C ASP A 315 -2.82 -24.12 -11.43
N LEU A 316 -3.55 -24.73 -10.49
CA LEU A 316 -2.95 -25.63 -9.51
C LEU A 316 -2.60 -27.00 -10.09
N ASP A 317 -3.34 -27.47 -11.10
CA ASP A 317 -2.94 -28.69 -11.78
C ASP A 317 -1.55 -28.49 -12.31
N LYS A 318 -1.35 -27.37 -13.00
CA LYS A 318 -0.07 -27.06 -13.58
C LYS A 318 1.02 -26.74 -12.54
N PHE A 319 0.67 -26.16 -11.40
CA PHE A 319 1.70 -25.83 -10.39
C PHE A 319 1.47 -26.59 -9.09
N ALA A 320 1.57 -27.92 -9.18
CA ALA A 320 1.32 -28.84 -8.09
C ALA A 320 2.14 -28.52 -6.84
N CYS A 321 3.35 -28.03 -7.07
CA CYS A 321 4.21 -27.62 -5.98
C CYS A 321 3.48 -26.70 -5.03
N LEU A 322 2.62 -25.85 -5.57
CA LEU A 322 1.81 -24.94 -4.73
C LEU A 322 0.65 -25.63 -3.96
N LYS A 323 -0.08 -26.53 -4.61
CA LYS A 323 -1.00 -27.42 -3.88
C LYS A 323 -0.26 -28.08 -2.71
N LEU A 324 0.94 -28.63 -3.00
CA LEU A 324 1.63 -29.50 -2.04
C LEU A 324 2.18 -28.68 -0.89
N ALA A 325 2.52 -27.44 -1.14
CA ALA A 325 2.99 -26.59 -0.06
C ALA A 325 1.91 -26.20 0.90
N ARG A 326 0.71 -25.99 0.37
CA ARG A 326 -0.41 -25.64 1.22
C ARG A 326 -0.73 -26.84 2.09
N TYR A 327 -0.88 -27.99 1.44
CA TYR A 327 -1.07 -29.25 2.14
C TYR A 327 -0.06 -29.39 3.25
N ALA A 328 1.20 -29.10 2.96
CA ALA A 328 2.24 -29.25 3.97
C ALA A 328 2.09 -28.21 5.06
N ALA A 329 1.76 -26.97 4.69
CA ALA A 329 1.57 -25.95 5.70
C ALA A 329 0.52 -26.36 6.72
N ARG A 330 -0.56 -26.98 6.26
N ARG A 330 -0.57 -26.98 6.26
CA ARG A 330 -1.59 -27.49 7.14
CA ARG A 330 -1.60 -27.49 7.15
C ARG A 330 -1.09 -28.64 8.01
C ARG A 330 -1.09 -28.64 8.01
N LEU A 331 -0.23 -29.50 7.46
CA LEU A 331 0.32 -30.63 8.22
C LEU A 331 1.24 -30.21 9.33
N GLY A 332 1.89 -29.05 9.22
CA GLY A 332 2.78 -28.58 10.28
C GLY A 332 4.22 -28.75 9.89
N THR A 333 5.12 -28.56 10.86
CA THR A 333 6.52 -28.40 10.54
C THR A 333 7.22 -29.65 9.94
N GLY A 334 7.00 -30.81 10.48
CA GLY A 334 7.46 -32.02 9.84
C GLY A 334 7.20 -32.08 8.36
N ALA A 335 5.99 -31.79 7.92
CA ALA A 335 5.68 -31.91 6.50
C ALA A 335 6.33 -30.83 5.69
N CYS A 336 6.62 -29.71 6.32
CA CYS A 336 7.28 -28.58 5.67
C CYS A 336 8.75 -28.86 5.39
N ILE A 337 9.37 -29.59 6.31
CA ILE A 337 10.69 -30.13 6.17
C ILE A 337 10.71 -31.17 5.07
N ALA A 338 9.85 -32.17 5.19
CA ALA A 338 9.71 -33.10 4.10
C ALA A 338 9.62 -32.30 2.83
N LEU A 339 8.79 -31.26 2.81
CA LEU A 339 8.56 -30.48 1.59
C LEU A 339 9.82 -29.80 1.09
N ASN A 340 10.43 -29.01 1.95
CA ASN A 340 11.55 -28.19 1.56
C ASN A 340 12.79 -28.99 1.14
N THR A 341 13.15 -29.95 1.99
CA THR A 341 14.24 -30.87 1.70
C THR A 341 13.96 -31.75 0.50
N ALA A 342 12.82 -32.40 0.40
CA ALA A 342 12.61 -33.20 -0.80
C ALA A 342 12.90 -32.27 -1.97
N ASN A 343 12.36 -31.05 -1.94
CA ASN A 343 12.49 -30.09 -3.04
C ASN A 343 13.96 -29.69 -3.26
N GLU A 344 14.68 -29.38 -2.18
CA GLU A 344 16.15 -29.13 -2.23
C GLU A 344 16.89 -30.22 -2.99
N ILE A 345 16.43 -31.48 -2.86
CA ILE A 345 17.04 -32.63 -3.51
C ILE A 345 16.59 -32.73 -4.95
N ALA A 346 15.32 -32.51 -5.25
CA ALA A 346 14.96 -32.63 -6.67
C ALA A 346 15.47 -31.40 -7.47
N VAL A 347 15.86 -30.33 -6.80
CA VAL A 347 16.53 -29.19 -7.50
C VAL A 347 18.00 -29.46 -7.84
N GLU A 348 18.79 -29.91 -6.85
CA GLU A 348 20.17 -30.33 -7.10
C GLU A 348 20.11 -31.31 -8.26
N ALA A 349 19.06 -32.13 -8.27
CA ALA A 349 18.87 -33.12 -9.32
C ALA A 349 18.40 -32.57 -10.65
N PHE A 350 17.64 -31.46 -10.68
CA PHE A 350 17.23 -30.93 -11.96
C PHE A 350 18.38 -30.25 -12.66
N LEU A 351 19.06 -29.38 -11.92
CA LEU A 351 20.26 -28.66 -12.38
C LEU A 351 21.46 -29.58 -12.78
N ALA A 352 21.58 -30.72 -12.10
CA ALA A 352 22.51 -31.78 -12.50
C ALA A 352 21.99 -32.57 -13.71
N GLU A 353 20.77 -32.30 -14.17
CA GLU A 353 20.23 -32.89 -15.40
C GLU A 353 19.91 -34.36 -15.26
N LYS A 354 19.53 -34.76 -14.05
CA LYS A 354 19.12 -36.15 -13.74
C LYS A 354 17.61 -36.37 -13.82
N ILE A 355 16.82 -35.33 -13.51
CA ILE A 355 15.36 -35.43 -13.68
C ILE A 355 14.81 -34.32 -14.56
N CYS A 356 13.59 -34.56 -15.03
CA CYS A 356 12.78 -33.53 -15.67
C CYS A 356 12.30 -32.44 -14.70
N LEU A 357 11.95 -31.27 -15.23
CA LEU A 357 11.41 -30.20 -14.38
C LEU A 357 10.13 -30.62 -13.65
N THR A 358 9.19 -31.22 -14.40
CA THR A 358 7.93 -31.72 -13.86
C THR A 358 8.09 -32.87 -12.87
N ASP A 359 9.26 -33.49 -12.85
CA ASP A 359 9.56 -34.50 -11.86
C ASP A 359 9.73 -33.89 -10.45
N ILE A 360 9.97 -32.59 -10.32
CA ILE A 360 10.08 -32.01 -8.99
C ILE A 360 8.79 -32.20 -8.19
N ALA A 361 7.65 -32.13 -8.86
CA ALA A 361 6.37 -32.30 -8.18
C ALA A 361 6.19 -33.71 -7.65
N VAL A 362 6.53 -34.68 -8.50
CA VAL A 362 6.35 -36.12 -8.20
C VAL A 362 7.14 -36.55 -6.98
N ILE A 363 8.39 -36.12 -6.93
CA ILE A 363 9.32 -36.50 -5.88
C ILE A 363 8.85 -35.97 -4.54
N VAL A 364 8.38 -34.72 -4.56
CA VAL A 364 7.93 -34.04 -3.34
C VAL A 364 6.62 -34.63 -2.80
N LYS A 365 5.69 -35.03 -3.65
CA LYS A 365 4.48 -35.65 -3.17
C LYS A 365 4.84 -36.98 -2.56
N ALA A 366 5.61 -37.75 -3.33
CA ALA A 366 5.95 -39.10 -2.93
C ALA A 366 6.58 -39.04 -1.57
N CYS A 367 7.39 -38.02 -1.35
CA CYS A 367 7.95 -37.77 -0.03
C CYS A 367 6.92 -37.32 1.06
N LEU A 368 5.95 -36.48 0.71
CA LEU A 368 5.00 -36.05 1.71
C LEU A 368 4.18 -37.25 2.13
N ASP A 369 3.79 -38.08 1.15
CA ASP A 369 2.92 -39.23 1.39
C ASP A 369 3.64 -40.51 1.79
N ASP A 370 4.97 -40.47 1.94
CA ASP A 370 5.74 -41.62 2.37
C ASP A 370 5.59 -41.95 3.85
N LYS A 371 5.31 -43.23 4.16
CA LYS A 371 4.99 -43.64 5.53
C LYS A 371 6.17 -43.43 6.49
N THR A 372 7.39 -43.60 5.99
CA THR A 372 8.58 -43.42 6.82
C THR A 372 8.85 -41.96 7.15
N ILE A 373 8.50 -41.08 6.24
CA ILE A 373 8.60 -39.67 6.52
C ILE A 373 7.45 -39.28 7.49
N ALA A 374 6.24 -39.67 7.15
CA ALA A 374 5.07 -39.32 7.98
C ALA A 374 5.14 -39.69 9.47
N GLN A 375 5.97 -40.67 9.85
CA GLN A 375 6.14 -40.98 11.27
C GLN A 375 6.57 -39.77 12.10
N ASP A 376 7.30 -38.85 11.50
CA ASP A 376 7.95 -37.78 12.26
C ASP A 376 7.12 -36.49 12.23
N TYR A 377 6.05 -36.50 11.46
CA TYR A 377 5.18 -35.33 11.42
C TYR A 377 4.66 -34.85 12.77
N SER A 378 4.46 -35.76 13.72
CA SER A 378 3.86 -35.40 15.00
C SER A 378 4.90 -35.04 16.07
N GLN A 379 6.12 -34.75 15.65
CA GLN A 379 7.15 -34.39 16.62
C GLN A 379 7.15 -32.92 17.02
N ASP A 380 7.84 -32.63 18.12
CA ASP A 380 7.98 -31.28 18.62
C ASP A 380 9.27 -30.66 18.08
N PHE A 381 9.17 -30.20 16.84
CA PHE A 381 10.25 -29.55 16.15
C PHE A 381 10.54 -28.18 16.73
N GLY A 382 9.75 -27.77 17.72
CA GLY A 382 9.86 -26.42 18.29
C GLY A 382 10.35 -26.40 19.72
N ASP A 383 10.83 -27.51 20.21
CA ASP A 383 11.29 -27.60 21.60
C ASP A 383 12.58 -26.79 21.69
N GLU A 384 12.67 -25.90 22.68
CA GLU A 384 13.82 -25.00 22.83
C GLU A 384 15.13 -25.79 22.99
N VAL A 385 15.09 -26.92 23.70
CA VAL A 385 16.30 -27.74 23.90
C VAL A 385 16.55 -28.72 22.74
N LEU A 386 15.50 -29.33 22.22
CA LEU A 386 15.66 -30.53 21.38
C LEU A 386 15.19 -30.42 19.93
N GLY A 387 14.51 -29.31 19.61
CA GLY A 387 14.00 -29.08 18.27
C GLY A 387 15.05 -29.08 17.18
N LEU A 388 16.19 -28.46 17.45
CA LEU A 388 17.16 -28.35 16.37
C LEU A 388 17.62 -29.74 15.89
N GLU A 389 17.97 -30.66 16.81
CA GLU A 389 18.49 -31.99 16.39
C GLU A 389 17.40 -32.81 15.68
N ARG A 390 16.16 -32.60 16.12
CA ARG A 390 15.00 -33.19 15.49
C ARG A 390 14.79 -32.67 14.06
N ILE A 391 14.98 -31.36 13.85
CA ILE A 391 14.87 -30.78 12.50
C ILE A 391 15.97 -31.32 11.57
N LEU A 392 17.21 -31.33 12.04
CA LEU A 392 18.33 -31.83 11.23
C LEU A 392 18.25 -33.33 10.93
N THR A 393 17.83 -34.12 11.91
CA THR A 393 17.66 -35.57 11.70
C THR A 393 16.65 -35.86 10.61
N MET A 394 15.57 -35.08 10.55
CA MET A 394 14.54 -35.29 9.55
C MET A 394 15.00 -34.82 8.23
N ASP A 395 15.71 -33.68 8.25
CA ASP A 395 16.44 -33.27 7.08
C ASP A 395 17.25 -34.44 6.50
N LYS A 396 18.16 -35.02 7.29
CA LYS A 396 19.07 -36.12 6.78
C LYS A 396 18.20 -37.24 6.22
N LYS A 397 17.13 -37.52 6.94
CA LYS A 397 16.23 -38.58 6.55
C LYS A 397 15.52 -38.32 5.22
N VAL A 398 14.94 -37.14 5.08
CA VAL A 398 14.28 -36.82 3.81
C VAL A 398 15.31 -36.80 2.68
N ARG A 399 16.50 -36.28 2.99
CA ARG A 399 17.61 -36.33 1.99
C ARG A 399 17.79 -37.74 1.43
N LYS A 400 17.97 -38.72 2.31
CA LYS A 400 18.10 -40.14 1.92
C LYS A 400 16.91 -40.62 1.07
N ILE A 401 15.68 -40.37 1.55
CA ILE A 401 14.49 -40.99 0.95
C ILE A 401 14.14 -40.35 -0.36
N ALA A 402 14.27 -39.03 -0.39
CA ALA A 402 14.10 -38.31 -1.63
C ALA A 402 15.12 -38.77 -2.67
N THR A 403 16.39 -38.87 -2.28
CA THR A 403 17.40 -39.44 -3.18
C THR A 403 16.95 -40.80 -3.70
N ALA A 404 16.44 -41.64 -2.81
CA ALA A 404 15.94 -42.96 -3.19
C ALA A 404 14.78 -42.87 -4.15
N LYS A 405 13.84 -41.96 -3.88
CA LYS A 405 12.68 -41.79 -4.74
C LYS A 405 13.11 -41.41 -6.14
N ILE A 406 14.15 -40.59 -6.21
CA ILE A 406 14.66 -40.12 -7.50
C ILE A 406 15.16 -41.28 -8.30
N LYS A 407 16.07 -42.06 -7.71
CA LYS A 407 16.62 -43.27 -8.33
C LYS A 407 15.50 -44.24 -8.76
N LEU A 408 14.53 -44.42 -7.89
CA LEU A 408 13.40 -45.27 -8.20
C LEU A 408 12.61 -44.80 -9.44
N LEU A 409 12.48 -43.48 -9.63
CA LEU A 409 11.62 -42.90 -10.69
C LEU A 409 12.24 -43.11 -12.07
N LYS A 410 13.52 -42.79 -12.17
CA LYS A 410 14.30 -43.09 -13.37
C LYS A 410 14.20 -44.56 -13.84
N GLN A 411 13.50 -45.44 -13.09
CA GLN A 411 13.12 -46.79 -13.55
C GLN A 411 11.61 -47.05 -13.36
N GLY A 412 11.12 -46.99 -12.12
CA GLY A 412 9.69 -47.25 -11.82
C GLY A 412 9.37 -47.75 -10.41
N ASP A 413 8.27 -47.23 -9.84
CA ASP A 413 7.75 -47.67 -8.52
C ASP A 413 6.43 -48.38 -8.70
N LEU B 6 -20.68 6.29 23.16
CA LEU B 6 -20.89 6.30 21.68
C LEU B 6 -20.35 7.57 21.08
N GLN B 7 -19.58 7.42 19.99
CA GLN B 7 -19.09 8.58 19.25
C GLN B 7 -20.26 9.32 18.60
N SER B 8 -20.45 10.55 19.01
CA SER B 8 -21.49 11.41 18.51
C SER B 8 -21.12 11.93 17.12
N LEU B 9 -22.01 11.81 16.15
CA LEU B 9 -21.81 12.28 14.78
C LEU B 9 -22.73 13.41 14.36
N ALA B 10 -22.17 14.42 13.69
CA ALA B 10 -22.96 15.35 12.89
C ALA B 10 -22.63 15.09 11.46
N ILE B 11 -23.64 14.85 10.63
CA ILE B 11 -23.41 14.60 9.20
C ILE B 11 -23.94 15.76 8.37
N LEU B 12 -23.04 16.64 7.99
CA LEU B 12 -23.42 17.80 7.24
C LEU B 12 -23.49 17.38 5.80
N GLY B 13 -24.66 17.45 5.19
CA GLY B 13 -24.84 17.00 3.81
C GLY B 13 -25.34 15.57 3.78
N ALA B 14 -26.18 15.19 4.75
CA ALA B 14 -26.63 13.79 4.94
C ALA B 14 -27.50 13.19 3.86
N THR B 15 -28.04 14.00 2.98
CA THR B 15 -29.01 13.57 1.98
C THR B 15 -28.39 13.27 0.65
N GLY B 16 -27.12 13.63 0.48
CA GLY B 16 -26.46 13.38 -0.79
C GLY B 16 -25.80 12.00 -0.87
N SER B 17 -24.95 11.84 -1.87
CA SER B 17 -24.32 10.58 -2.20
C SER B 17 -23.45 10.12 -1.03
N ILE B 18 -22.58 11.03 -0.59
CA ILE B 18 -21.67 10.76 0.49
C ILE B 18 -22.50 10.42 1.73
N GLY B 19 -23.54 11.22 1.97
CA GLY B 19 -24.41 10.96 3.10
C GLY B 19 -25.02 9.60 3.07
N ASP B 20 -25.54 9.19 1.92
CA ASP B 20 -26.06 7.83 1.77
C ASP B 20 -25.07 6.77 2.23
N SER B 21 -23.82 6.86 1.75
CA SER B 21 -22.82 5.85 2.08
C SER B 21 -22.47 5.84 3.54
N THR B 22 -22.36 7.04 4.14
CA THR B 22 -22.06 7.18 5.57
C THR B 22 -23.14 6.47 6.35
N LEU B 23 -24.37 6.80 6.02
CA LEU B 23 -25.49 6.24 6.78
C LEU B 23 -25.56 4.75 6.56
N ALA B 24 -25.17 4.29 5.37
CA ALA B 24 -25.23 2.84 5.12
C ALA B 24 -24.29 2.09 6.06
N ILE B 25 -23.22 2.76 6.47
CA ILE B 25 -22.28 2.19 7.41
C ILE B 25 -22.82 2.28 8.82
N ILE B 26 -23.41 3.41 9.20
CA ILE B 26 -24.04 3.56 10.51
C ILE B 26 -25.07 2.44 10.76
N ARG B 27 -25.86 2.09 9.75
CA ARG B 27 -26.87 1.07 9.92
C ARG B 27 -26.28 -0.30 10.13
N GLN B 28 -25.02 -0.47 9.81
CA GLN B 28 -24.38 -1.75 10.02
C GLN B 28 -23.73 -1.80 11.38
N HIS B 29 -23.62 -0.63 12.02
CA HIS B 29 -22.87 -0.50 13.25
C HIS B 29 -23.68 0.28 14.26
N PRO B 30 -24.81 -0.29 14.72
CA PRO B 30 -25.82 0.48 15.44
C PRO B 30 -25.32 1.02 16.77
N ASN B 31 -24.64 0.18 17.56
CA ASN B 31 -24.24 0.63 18.89
C ASN B 31 -22.79 1.05 18.99
N ARG B 32 -22.31 1.72 17.94
CA ARG B 32 -20.97 2.24 17.88
C ARG B 32 -21.01 3.78 17.72
N TYR B 33 -21.98 4.24 16.96
CA TYR B 33 -22.12 5.63 16.59
C TYR B 33 -23.50 6.11 17.02
N ARG B 34 -23.59 7.36 17.48
CA ARG B 34 -24.85 8.03 17.81
C ARG B 34 -25.01 9.22 16.85
N ILE B 35 -26.14 9.34 16.17
CA ILE B 35 -26.37 10.47 15.28
C ILE B 35 -26.89 11.67 16.07
N HIS B 36 -26.12 12.72 16.16
CA HIS B 36 -26.56 13.88 16.84
C HIS B 36 -27.21 14.83 15.87
N ALA B 37 -26.77 14.88 14.62
CA ALA B 37 -27.36 15.84 13.68
C ALA B 37 -27.23 15.41 12.26
N LEU B 38 -28.14 15.87 11.42
CA LEU B 38 -28.17 15.55 9.99
C LEU B 38 -28.59 16.83 9.28
N THR B 39 -28.09 17.12 8.10
CA THR B 39 -28.46 18.32 7.41
C THR B 39 -28.69 18.06 5.96
N GLY B 40 -29.60 18.83 5.37
CA GLY B 40 -29.99 18.66 3.98
C GLY B 40 -30.50 19.98 3.45
N PHE B 41 -30.17 20.34 2.22
CA PHE B 41 -30.55 21.65 1.73
C PHE B 41 -31.94 21.59 1.09
N SER B 42 -32.13 20.73 0.10
CA SER B 42 -33.35 20.72 -0.71
C SER B 42 -34.34 19.60 -0.39
N ARG B 43 -33.85 18.41 -0.05
CA ARG B 43 -34.70 17.23 -0.06
C ARG B 43 -35.35 17.04 1.32
N VAL B 44 -36.39 17.85 1.54
CA VAL B 44 -37.02 17.97 2.83
C VAL B 44 -37.63 16.64 3.29
N ASP B 45 -38.33 15.94 2.41
N ASP B 45 -38.32 15.96 2.39
CA ASP B 45 -38.91 14.67 2.76
CA ASP B 45 -38.91 14.67 2.67
C ASP B 45 -37.87 13.60 3.16
C ASP B 45 -37.89 13.63 3.13
N LYS B 46 -36.73 13.58 2.46
CA LYS B 46 -35.70 12.62 2.76
C LYS B 46 -35.10 12.93 4.11
N LEU B 47 -34.80 14.18 4.32
CA LEU B 47 -34.36 14.60 5.65
C LEU B 47 -35.38 14.21 6.74
N LEU B 48 -36.66 14.44 6.50
CA LEU B 48 -37.64 13.96 7.44
C LEU B 48 -37.56 12.47 7.68
N ALA B 49 -37.55 11.68 6.60
CA ALA B 49 -37.45 10.20 6.72
C ALA B 49 -36.21 9.78 7.54
N LEU B 50 -35.08 10.48 7.33
CA LEU B 50 -33.89 10.25 8.14
C LEU B 50 -34.09 10.63 9.60
N ALA B 51 -34.66 11.79 9.81
CA ALA B 51 -35.05 12.21 11.15
C ALA B 51 -35.81 11.09 11.89
N MET B 52 -36.85 10.56 11.25
CA MET B 52 -37.68 9.54 11.88
C MET B 52 -36.90 8.25 12.13
N GLU B 53 -35.97 7.96 11.23
CA GLU B 53 -35.17 6.78 11.39
C GLU B 53 -34.23 6.92 12.58
N PHE B 54 -33.51 8.05 12.66
CA PHE B 54 -32.38 8.15 13.58
C PHE B 54 -32.63 8.99 14.82
N HIS B 55 -33.78 9.65 14.94
CA HIS B 55 -34.11 10.51 16.10
C HIS B 55 -32.92 11.40 16.48
N PRO B 56 -32.43 12.23 15.54
CA PRO B 56 -31.36 13.12 15.82
C PRO B 56 -31.77 14.26 16.74
N VAL B 57 -30.82 14.79 17.49
CA VAL B 57 -31.10 15.91 18.34
C VAL B 57 -31.38 17.16 17.52
N LYS B 58 -30.68 17.37 16.42
CA LYS B 58 -30.86 18.58 15.61
C LYS B 58 -30.79 18.23 14.16
N ILE B 59 -31.49 18.98 13.35
CA ILE B 59 -31.31 18.93 11.90
C ILE B 59 -31.39 20.35 11.38
N CYS B 60 -30.89 20.57 10.16
CA CYS B 60 -30.79 21.87 9.58
C CYS B 60 -31.15 21.73 8.13
N THR B 61 -31.89 22.71 7.60
CA THR B 61 -32.24 22.73 6.17
C THR B 61 -32.05 24.12 5.62
N SER B 62 -32.43 24.30 4.34
CA SER B 62 -32.43 25.63 3.73
C SER B 62 -33.48 26.56 4.35
N PRO B 63 -33.28 27.89 4.26
CA PRO B 63 -34.24 28.83 4.88
C PRO B 63 -35.61 28.75 4.23
N ASP B 64 -35.63 28.55 2.92
CA ASP B 64 -36.86 28.32 2.19
C ASP B 64 -37.67 27.12 2.69
N ASN B 65 -37.05 26.11 3.31
CA ASN B 65 -37.78 24.96 3.82
C ASN B 65 -37.94 24.86 5.33
N TYR B 66 -37.46 25.85 6.07
CA TYR B 66 -37.39 25.70 7.52
C TYR B 66 -38.81 25.52 8.10
N ALA B 67 -39.72 26.39 7.67
CA ALA B 67 -41.12 26.34 8.13
C ALA B 67 -41.74 25.02 7.79
N GLN B 68 -41.66 24.64 6.52
CA GLN B 68 -42.28 23.38 6.06
C GLN B 68 -41.76 22.18 6.86
N LEU B 69 -40.48 22.18 7.14
CA LEU B 69 -39.90 21.04 7.77
C LEU B 69 -40.26 21.02 9.22
N SER B 70 -40.34 22.20 9.85
CA SER B 70 -40.73 22.30 11.27
C SER B 70 -42.13 21.76 11.51
N GLN B 71 -43.06 22.06 10.61
N GLN B 71 -43.07 22.07 10.62
CA GLN B 71 -44.41 21.53 10.71
CA GLN B 71 -44.43 21.51 10.72
C GLN B 71 -44.38 20.01 10.70
C GLN B 71 -44.36 19.99 10.73
N LYS B 72 -43.66 19.46 9.73
CA LYS B 72 -43.61 18.04 9.48
C LYS B 72 -42.95 17.25 10.59
N VAL B 73 -42.00 17.89 11.23
CA VAL B 73 -41.34 17.27 12.37
C VAL B 73 -42.23 17.28 13.62
N THR B 74 -42.95 18.37 13.88
CA THR B 74 -43.85 18.38 15.02
C THR B 74 -44.99 17.40 14.73
N ASP B 75 -45.54 17.41 13.51
CA ASP B 75 -46.59 16.44 13.09
C ASP B 75 -46.21 14.97 13.30
N ALA B 76 -44.93 14.64 13.17
CA ALA B 76 -44.43 13.30 13.41
C ALA B 76 -44.04 13.02 14.86
N GLY B 77 -44.20 14.01 15.72
CA GLY B 77 -43.87 13.87 17.12
C GLY B 77 -42.45 13.55 17.50
N LEU B 78 -41.48 14.09 16.77
CA LEU B 78 -40.08 13.95 17.16
C LEU B 78 -39.66 15.11 18.04
N ASP B 79 -38.73 14.85 18.97
CA ASP B 79 -38.16 15.93 19.82
C ASP B 79 -37.17 16.83 19.08
N THR B 80 -36.88 16.49 17.83
CA THR B 80 -35.81 17.07 17.05
C THR B 80 -35.86 18.60 16.91
N ILE B 81 -34.76 19.28 17.29
CA ILE B 81 -34.56 20.70 17.01
C ILE B 81 -34.26 20.98 15.53
N ILE B 82 -34.95 21.94 14.94
CA ILE B 82 -34.78 22.26 13.54
C ILE B 82 -34.05 23.57 13.48
N LEU B 83 -33.13 23.66 12.50
CA LEU B 83 -32.25 24.81 12.31
C LEU B 83 -32.28 25.17 10.83
N SER B 84 -31.81 26.34 10.45
CA SER B 84 -31.72 26.65 9.02
C SER B 84 -30.52 27.45 8.66
N GLY B 85 -30.22 27.50 7.36
CA GLY B 85 -29.07 28.22 6.82
C GLY B 85 -27.69 27.98 7.44
N ASP B 86 -26.76 28.83 7.04
CA ASP B 86 -25.40 28.71 7.47
C ASP B 86 -25.29 28.82 8.99
N GLU B 87 -26.21 29.54 9.56
CA GLU B 87 -26.22 29.75 10.99
C GLU B 87 -26.43 28.40 11.67
N GLY B 88 -27.31 27.59 11.11
CA GLY B 88 -27.59 26.27 11.63
C GLY B 88 -26.45 25.30 11.48
N LEU B 89 -25.75 25.40 10.36
CA LEU B 89 -24.64 24.52 10.09
C LEU B 89 -23.50 24.81 11.08
N ILE B 90 -23.25 26.10 11.31
CA ILE B 90 -22.17 26.52 12.21
C ILE B 90 -22.44 25.99 13.60
N GLU B 91 -23.66 26.09 14.02
CA GLU B 91 -24.09 25.57 15.30
C GLU B 91 -23.88 24.08 15.46
N ILE B 92 -24.30 23.31 14.48
CA ILE B 92 -24.14 21.87 14.53
C ILE B 92 -22.68 21.51 14.50
N ALA B 93 -21.94 22.21 13.64
CA ALA B 93 -20.49 21.95 13.51
C ALA B 93 -19.69 22.26 14.76
N SER B 94 -20.16 23.19 15.61
CA SER B 94 -19.44 23.54 16.84
C SER B 94 -20.11 23.07 18.12
N ASP B 95 -21.14 22.26 17.96
CA ASP B 95 -21.96 21.82 19.06
C ASP B 95 -21.13 21.05 20.08
N GLU B 96 -21.27 21.46 21.34
CA GLU B 96 -20.49 20.88 22.44
C GLU B 96 -20.69 19.36 22.48
N ALA B 97 -21.85 18.91 22.06
CA ALA B 97 -22.23 17.52 22.18
C ALA B 97 -21.82 16.64 21.01
N VAL B 98 -21.24 17.24 19.96
CA VAL B 98 -20.79 16.52 18.76
C VAL B 98 -19.32 16.16 18.85
N ASP B 99 -18.98 14.89 18.66
CA ASP B 99 -17.58 14.47 18.58
C ASP B 99 -17.07 14.62 17.16
N THR B 100 -17.83 14.15 16.18
CA THR B 100 -17.30 13.98 14.84
C THR B 100 -18.17 14.62 13.80
N VAL B 101 -17.57 15.35 12.86
CA VAL B 101 -18.33 15.98 11.81
C VAL B 101 -17.88 15.40 10.50
N VAL B 102 -18.84 14.97 9.72
CA VAL B 102 -18.64 14.51 8.39
C VAL B 102 -19.01 15.69 7.49
N ALA B 103 -18.03 16.27 6.83
CA ALA B 103 -18.22 17.47 6.07
C ALA B 103 -18.57 17.09 4.67
N ALA B 104 -19.85 16.94 4.34
CA ALA B 104 -20.22 16.50 2.97
C ALA B 104 -21.13 17.45 2.23
N ILE B 105 -21.09 18.74 2.59
CA ILE B 105 -21.78 19.75 1.82
C ILE B 105 -20.97 19.97 0.58
N VAL B 106 -21.58 20.02 -0.59
CA VAL B 106 -20.82 20.28 -1.82
C VAL B 106 -20.49 21.77 -2.00
N GLY B 107 -19.32 22.01 -2.58
CA GLY B 107 -18.90 23.34 -3.00
C GLY B 107 -18.49 24.25 -1.88
N ALA B 108 -18.55 25.54 -2.16
CA ALA B 108 -18.16 26.58 -1.22
C ALA B 108 -19.16 26.62 -0.10
N ALA B 109 -20.39 26.21 -0.38
CA ALA B 109 -21.40 26.23 0.66
C ALA B 109 -20.96 25.49 1.94
N GLY B 110 -19.94 24.65 1.85
CA GLY B 110 -19.49 23.87 3.01
C GLY B 110 -18.36 24.48 3.81
N LEU B 111 -17.90 25.65 3.38
CA LEU B 111 -16.71 26.26 3.95
C LEU B 111 -16.87 26.73 5.40
N SER B 112 -17.92 27.47 5.68
CA SER B 112 -18.06 28.09 7.01
C SER B 112 -18.29 27.06 8.10
N SER B 113 -19.05 26.02 7.83
CA SER B 113 -19.23 24.97 8.81
C SER B 113 -17.98 24.10 8.96
N THR B 114 -17.23 23.90 7.87
CA THR B 114 -15.97 23.20 7.99
C THR B 114 -15.07 23.96 8.93
N LEU B 115 -15.00 25.29 8.79
CA LEU B 115 -14.19 26.09 9.69
C LEU B 115 -14.68 26.06 11.12
N ALA B 116 -15.99 26.23 11.29
CA ALA B 116 -16.58 26.14 12.62
C ALA B 116 -16.16 24.85 13.30
N ALA B 117 -16.20 23.76 12.55
CA ALA B 117 -15.77 22.48 13.08
C ALA B 117 -14.24 22.50 13.44
N ALA B 118 -13.42 23.06 12.58
CA ALA B 118 -12.00 23.14 12.92
C ALA B 118 -11.83 24.05 14.14
N GLY B 119 -12.60 25.14 14.19
CA GLY B 119 -12.51 26.11 15.29
C GLY B 119 -12.90 25.50 16.64
N ALA B 120 -13.75 24.46 16.58
CA ALA B 120 -14.32 23.82 17.74
C ALA B 120 -13.53 22.61 18.15
N GLY B 121 -12.56 22.27 17.34
CA GLY B 121 -11.63 21.24 17.66
C GLY B 121 -12.22 19.88 17.44
N LYS B 122 -12.92 19.67 16.33
CA LYS B 122 -13.62 18.42 16.18
C LYS B 122 -12.79 17.44 15.40
N ARG B 123 -13.19 16.18 15.45
CA ARG B 123 -12.73 15.23 14.48
C ARG B 123 -13.56 15.46 13.24
N ILE B 124 -12.91 15.77 12.13
CA ILE B 124 -13.61 16.12 10.90
C ILE B 124 -13.28 15.11 9.79
N LEU B 125 -14.30 14.54 9.17
CA LEU B 125 -14.15 13.60 8.08
C LEU B 125 -14.50 14.34 6.81
N LEU B 126 -13.50 14.61 5.98
CA LEU B 126 -13.67 15.60 4.94
C LEU B 126 -13.96 14.97 3.60
N ALA B 127 -15.13 15.23 3.08
CA ALA B 127 -15.45 14.82 1.73
C ALA B 127 -15.32 16.06 0.90
N ASN B 128 -15.96 17.08 1.42
CA ASN B 128 -16.01 18.40 0.87
C ASN B 128 -14.65 19.03 0.58
N LYS B 129 -14.18 18.81 -0.63
CA LYS B 129 -12.81 19.22 -1.05
C LYS B 129 -12.73 20.70 -1.42
N GLU B 130 -13.82 21.27 -1.94
CA GLU B 130 -13.88 22.69 -2.17
C GLU B 130 -13.53 23.52 -0.91
N SER B 131 -13.75 22.99 0.29
CA SER B 131 -13.28 23.67 1.49
C SER B 131 -11.79 23.92 1.57
N LEU B 132 -11.01 22.91 1.20
CA LEU B 132 -9.57 23.01 1.23
C LEU B 132 -9.02 23.77 0.01
N VAL B 133 -9.62 23.60 -1.17
CA VAL B 133 -9.23 24.34 -2.35
C VAL B 133 -9.38 25.84 -2.13
N MET B 134 -10.36 26.23 -1.33
CA MET B 134 -10.62 27.64 -1.12
C MET B 134 -10.05 28.24 0.14
N ALA B 135 -9.84 27.44 1.18
CA ALA B 135 -9.45 27.99 2.44
C ALA B 135 -8.51 27.05 3.16
N GLY B 136 -7.69 26.38 2.37
CA GLY B 136 -6.77 25.39 2.88
C GLY B 136 -5.94 25.92 4.02
N ASP B 137 -5.24 27.04 3.82
CA ASP B 137 -4.35 27.53 4.87
C ASP B 137 -5.16 27.80 6.11
N LEU B 138 -6.30 28.44 5.90
CA LEU B 138 -7.14 28.88 7.02
C LEU B 138 -7.67 27.70 7.79
N VAL B 139 -8.13 26.69 7.06
CA VAL B 139 -8.72 25.50 7.68
C VAL B 139 -7.68 24.74 8.48
N ILE B 140 -6.55 24.42 7.84
CA ILE B 140 -5.49 23.68 8.50
C ILE B 140 -4.93 24.45 9.70
N LYS B 141 -4.61 25.72 9.47
CA LYS B 141 -4.08 26.59 10.56
C LYS B 141 -5.06 26.52 11.71
N THR B 142 -6.32 26.82 11.43
CA THR B 142 -7.40 26.83 12.45
C THR B 142 -7.53 25.49 13.19
N ALA B 143 -7.53 24.41 12.41
CA ALA B 143 -7.50 23.05 12.97
C ALA B 143 -6.30 22.79 13.90
N LYS B 144 -5.10 23.11 13.43
CA LYS B 144 -3.89 22.94 14.26
C LYS B 144 -3.96 23.73 15.57
N LYS B 145 -4.37 24.98 15.45
CA LYS B 145 -4.55 25.87 16.58
C LYS B 145 -5.55 25.30 17.60
N HIS B 146 -6.63 24.65 17.17
CA HIS B 146 -7.64 24.23 18.16
C HIS B 146 -7.72 22.74 18.47
N GLY B 147 -6.87 21.95 17.86
CA GLY B 147 -6.85 20.53 18.18
C GLY B 147 -7.86 19.73 17.39
N ALA B 148 -8.26 20.25 16.23
CA ALA B 148 -9.09 19.49 15.33
C ALA B 148 -8.20 18.55 14.54
N THR B 149 -8.71 17.35 14.27
CA THR B 149 -8.06 16.33 13.47
C THR B 149 -8.86 16.26 12.21
N ILE B 150 -8.21 16.21 11.07
CA ILE B 150 -8.88 16.07 9.81
C ILE B 150 -8.49 14.74 9.22
N LEU B 151 -9.49 13.93 8.86
CA LEU B 151 -9.29 12.70 8.12
C LEU B 151 -10.01 12.73 6.80
N PRO B 152 -9.30 12.45 5.73
CA PRO B 152 -9.93 12.57 4.44
C PRO B 152 -10.74 11.33 4.07
N ILE B 153 -11.87 11.63 3.43
CA ILE B 153 -12.86 10.68 2.99
C ILE B 153 -12.70 10.53 1.52
N ASP B 154 -12.25 11.59 0.87
CA ASP B 154 -11.99 11.50 -0.55
C ASP B 154 -11.08 10.28 -0.84
N SER B 155 -11.44 9.50 -1.85
CA SER B 155 -10.80 8.21 -2.09
C SER B 155 -9.28 8.30 -2.19
N GLU B 156 -8.83 9.17 -3.09
CA GLU B 156 -7.41 9.33 -3.35
C GLU B 156 -6.69 9.77 -2.10
N HIS B 157 -7.26 10.71 -1.39
CA HIS B 157 -6.62 11.20 -0.18
C HIS B 157 -6.68 10.21 0.93
N ASN B 158 -7.75 9.43 0.98
CA ASN B 158 -7.86 8.43 2.00
C ASN B 158 -6.80 7.36 1.71
N ALA B 159 -6.68 6.95 0.45
CA ALA B 159 -5.61 6.00 0.02
C ALA B 159 -4.24 6.47 0.45
N ILE B 160 -3.85 7.65 0.00
CA ILE B 160 -2.59 8.24 0.41
C ILE B 160 -2.44 8.23 1.93
N TYR B 161 -3.48 8.62 2.64
CA TYR B 161 -3.39 8.67 4.07
C TYR B 161 -3.08 7.25 4.67
N GLN B 162 -3.77 6.26 4.15
CA GLN B 162 -3.56 4.90 4.58
C GLN B 162 -2.13 4.42 4.27
N CYS B 163 -1.53 4.99 3.25
CA CYS B 163 -0.23 4.59 2.83
C CYS B 163 0.93 5.43 3.42
N LEU B 164 0.65 6.18 4.49
CA LEU B 164 1.60 7.10 5.08
C LEU B 164 1.94 6.62 6.47
N PRO B 165 3.17 6.86 6.92
CA PRO B 165 3.46 6.29 8.24
C PRO B 165 2.61 6.97 9.29
N ALA B 166 2.51 6.37 10.47
CA ALA B 166 1.63 6.90 11.53
C ALA B 166 1.90 8.36 11.91
N ALA B 167 3.14 8.65 12.26
CA ALA B 167 3.57 10.01 12.61
C ALA B 167 3.11 11.11 11.63
N ILE B 168 3.03 10.78 10.34
CA ILE B 168 2.56 11.74 9.31
C ILE B 168 1.02 11.83 9.19
N GLN B 169 0.33 10.78 9.59
CA GLN B 169 -1.13 10.81 9.79
C GLN B 169 -1.45 11.73 10.98
N ALA B 170 -0.73 11.55 12.11
CA ALA B 170 -0.87 12.43 13.28
C ALA B 170 -0.53 13.89 12.95
N ASP B 171 0.69 14.14 12.47
CA ASP B 171 1.17 15.49 12.19
C ASP B 171 1.72 15.62 10.76
N ASN B 172 0.97 16.28 9.88
CA ASN B 172 1.33 16.30 8.46
C ASN B 172 2.67 16.99 8.14
N THR B 173 3.20 17.77 9.08
CA THR B 173 4.46 18.48 8.87
C THR B 173 5.66 17.55 8.99
N ALA B 174 5.47 16.47 9.74
CA ALA B 174 6.47 15.41 9.88
C ALA B 174 6.94 14.87 8.54
N ILE B 175 6.14 15.05 7.49
CA ILE B 175 6.52 14.62 6.15
C ILE B 175 7.75 15.33 5.55
N HIS B 176 8.25 16.38 6.17
CA HIS B 176 9.44 17.04 5.63
C HIS B 176 10.69 16.50 6.28
N HIS B 177 10.55 15.69 7.32
CA HIS B 177 11.67 15.02 7.93
C HIS B 177 12.04 13.91 6.95
N THR B 178 13.29 13.94 6.45
CA THR B 178 13.68 13.10 5.31
C THR B 178 13.86 11.63 5.67
N SER B 179 14.01 11.33 6.96
CA SER B 179 13.92 9.98 7.50
C SER B 179 12.75 9.13 6.99
N TYR B 180 11.57 9.75 6.88
CA TYR B 180 10.38 9.03 6.45
C TYR B 180 10.44 8.72 4.99
N GLY B 181 11.29 9.42 4.26
CA GLY B 181 11.60 9.05 2.90
C GLY B 181 10.51 9.23 1.89
N ILE B 182 9.57 10.17 2.11
CA ILE B 182 8.50 10.36 1.12
C ILE B 182 9.09 11.09 -0.07
N LYS B 183 8.88 10.58 -1.28
CA LYS B 183 9.43 11.23 -2.46
C LYS B 183 8.39 12.06 -3.09
N LYS B 184 7.28 11.43 -3.42
CA LYS B 184 6.18 12.13 -4.04
C LYS B 184 4.88 11.36 -3.90
N LEU B 185 3.75 12.04 -4.15
CA LEU B 185 2.42 11.41 -4.07
C LEU B 185 1.86 11.26 -5.47
N TRP B 186 1.19 10.14 -5.75
CA TRP B 186 0.63 9.89 -7.07
C TRP B 186 -0.88 9.81 -6.93
N LEU B 187 -1.59 10.72 -7.60
CA LEU B 187 -3.06 10.68 -7.65
C LEU B 187 -3.50 9.93 -8.89
N THR B 188 -4.28 8.87 -8.68
CA THR B 188 -4.92 8.15 -9.78
C THR B 188 -6.18 8.92 -10.30
N ALA B 189 -6.44 8.83 -11.59
CA ALA B 189 -7.56 9.48 -12.20
C ALA B 189 -8.20 8.53 -13.17
N SER B 190 -9.54 8.39 -13.12
CA SER B 190 -10.22 7.46 -14.03
C SER B 190 -10.11 7.92 -15.46
N GLY B 191 -9.93 9.22 -15.65
CA GLY B 191 -9.96 9.78 -16.98
C GLY B 191 -11.36 10.13 -17.40
N GLY B 192 -12.34 9.73 -16.58
CA GLY B 192 -13.77 10.01 -16.81
C GLY B 192 -14.40 9.41 -18.06
N SER B 193 -15.65 9.82 -18.32
CA SER B 193 -16.44 9.34 -19.45
C SER B 193 -15.89 9.59 -20.84
N PHE B 194 -14.91 10.48 -20.99
CA PHE B 194 -14.44 10.83 -22.33
C PHE B 194 -12.98 10.53 -22.57
N LEU B 195 -12.33 9.90 -21.59
CA LEU B 195 -10.93 9.52 -21.73
C LEU B 195 -10.66 9.00 -23.14
N ASP B 196 -11.47 8.02 -23.55
CA ASP B 196 -11.23 7.27 -24.77
C ASP B 196 -12.17 7.74 -25.87
N LYS B 197 -12.25 9.06 -26.05
CA LYS B 197 -13.11 9.70 -27.04
C LYS B 197 -12.41 10.97 -27.54
N SER B 198 -12.79 11.43 -28.73
CA SER B 198 -12.18 12.60 -29.35
C SER B 198 -12.50 13.92 -28.59
N ILE B 199 -11.58 14.87 -28.68
CA ILE B 199 -11.86 16.26 -28.31
C ILE B 199 -13.23 16.67 -28.86
N LYS B 200 -13.36 16.44 -30.17
CA LYS B 200 -14.55 16.75 -30.95
C LYS B 200 -15.78 16.17 -30.27
N GLN B 201 -15.69 14.94 -29.79
CA GLN B 201 -16.87 14.29 -29.18
C GLN B 201 -17.22 14.82 -27.77
N MET B 202 -16.23 15.40 -27.08
CA MET B 202 -16.49 16.05 -25.78
C MET B 202 -17.26 17.35 -26.01
N GLN B 203 -16.82 18.14 -26.99
CA GLN B 203 -17.55 19.34 -27.45
C GLN B 203 -19.08 19.14 -27.40
N ASN B 204 -19.55 18.05 -28.02
CA ASN B 204 -20.98 17.81 -28.23
C ASN B 204 -21.61 16.95 -27.14
N ALA B 205 -20.92 16.79 -26.03
CA ALA B 205 -21.43 15.94 -24.95
C ALA B 205 -22.78 16.42 -24.40
N SER B 206 -23.72 15.50 -24.28
CA SER B 206 -24.92 15.76 -23.51
C SER B 206 -24.57 15.71 -22.03
N VAL B 207 -25.39 16.36 -21.22
CA VAL B 207 -25.29 16.28 -19.77
C VAL B 207 -25.39 14.82 -19.28
N LYS B 208 -26.32 14.05 -19.88
CA LYS B 208 -26.49 12.60 -19.64
C LYS B 208 -25.14 11.85 -19.81
N GLU B 209 -24.41 12.09 -20.91
CA GLU B 209 -23.07 11.50 -21.13
C GLU B 209 -22.07 11.89 -20.02
N ALA B 210 -21.89 13.19 -19.83
CA ALA B 210 -20.93 13.71 -18.87
C ALA B 210 -21.24 13.34 -17.43
N VAL B 211 -22.52 13.30 -17.07
CA VAL B 211 -22.92 13.10 -15.67
C VAL B 211 -22.75 11.65 -15.22
N ASN B 212 -22.82 10.70 -16.17
CA ASN B 212 -22.77 9.29 -15.80
C ASN B 212 -21.37 8.71 -16.02
N HIS B 213 -20.86 8.07 -14.98
CA HIS B 213 -19.47 7.68 -14.88
C HIS B 213 -19.42 6.16 -14.91
N PRO B 214 -18.51 5.57 -15.72
CA PRO B 214 -18.39 4.10 -15.80
C PRO B 214 -18.30 3.33 -14.46
N ASN B 215 -17.50 3.84 -13.51
CA ASN B 215 -17.24 3.18 -12.23
C ASN B 215 -17.82 3.71 -10.94
N TRP B 216 -18.24 4.95 -10.92
CA TRP B 216 -18.65 5.62 -9.70
C TRP B 216 -20.06 6.19 -9.86
N SER B 217 -20.82 6.16 -8.77
CA SER B 217 -22.08 6.90 -8.66
C SER B 217 -21.89 8.00 -7.64
N MET B 218 -22.07 9.23 -8.06
CA MET B 218 -21.77 10.39 -7.23
C MET B 218 -22.75 11.51 -7.48
N GLY B 219 -22.58 12.62 -6.76
CA GLY B 219 -23.34 13.81 -7.01
C GLY B 219 -23.10 14.31 -8.42
N GLN B 220 -23.85 15.32 -8.81
CA GLN B 220 -23.78 15.86 -10.16
C GLN B 220 -22.50 16.62 -10.44
N LYS B 221 -22.06 17.38 -9.44
CA LYS B 221 -20.92 18.30 -9.64
C LYS B 221 -19.56 17.56 -9.83
N ILE B 222 -19.17 16.78 -8.82
CA ILE B 222 -18.04 15.89 -8.87
C ILE B 222 -18.15 15.02 -10.10
N SER B 223 -19.33 14.61 -10.46
CA SER B 223 -19.45 13.83 -11.67
C SER B 223 -18.92 14.59 -12.88
N ILE B 224 -19.32 15.84 -13.05
CA ILE B 224 -18.89 16.63 -14.23
C ILE B 224 -17.39 16.97 -14.19
N ASP B 225 -16.94 17.30 -12.99
CA ASP B 225 -15.55 17.53 -12.74
C ASP B 225 -14.64 16.34 -13.09
N SER B 226 -15.17 15.14 -12.98
CA SER B 226 -14.45 13.96 -13.38
C SER B 226 -14.37 13.87 -14.90
N ALA B 227 -15.49 14.12 -15.57
CA ALA B 227 -15.49 14.21 -17.05
C ALA B 227 -14.43 15.17 -17.64
N THR B 228 -14.22 16.34 -17.03
CA THR B 228 -13.26 17.37 -17.53
C THR B 228 -11.87 17.21 -16.91
N MET B 229 -11.81 16.42 -15.85
CA MET B 229 -10.60 16.20 -15.07
C MET B 229 -10.25 17.34 -14.12
N MET B 230 -11.12 18.34 -14.02
CA MET B 230 -10.98 19.31 -13.00
C MET B 230 -11.03 18.68 -11.61
N ASN B 231 -11.72 17.53 -11.44
CA ASN B 231 -11.76 16.86 -10.14
C ASN B 231 -10.35 16.51 -9.62
N LYS B 232 -9.50 16.06 -10.53
CA LYS B 232 -8.13 15.78 -10.15
C LYS B 232 -7.41 17.06 -9.81
N GLY B 233 -7.71 18.12 -10.54
CA GLY B 233 -7.15 19.44 -10.29
C GLY B 233 -7.36 19.84 -8.88
N LEU B 234 -8.59 19.68 -8.44
CA LEU B 234 -9.01 20.15 -7.13
C LEU B 234 -8.42 19.24 -6.10
N GLU B 235 -8.37 17.96 -6.45
CA GLU B 235 -7.78 16.97 -5.58
C GLU B 235 -6.30 17.24 -5.39
N LEU B 236 -5.69 17.74 -6.45
CA LEU B 236 -4.29 18.15 -6.40
C LEU B 236 -4.10 19.25 -5.35
N ILE B 237 -4.95 20.27 -5.39
CA ILE B 237 -4.83 21.32 -4.40
C ILE B 237 -5.21 20.83 -2.98
N GLU B 238 -6.26 20.02 -2.86
CA GLU B 238 -6.61 19.35 -1.59
C GLU B 238 -5.42 18.62 -0.99
N ALA B 239 -4.72 17.84 -1.82
CA ALA B 239 -3.55 17.08 -1.37
C ALA B 239 -2.42 17.96 -0.82
N CYS B 240 -2.14 19.06 -1.51
CA CYS B 240 -1.16 20.02 -1.02
C CYS B 240 -1.46 20.45 0.39
N HIS B 241 -2.69 20.86 0.69
CA HIS B 241 -3.02 21.26 2.07
C HIS B 241 -3.06 20.11 3.02
N LEU B 242 -3.62 18.99 2.60
CA LEU B 242 -3.77 17.89 3.55
C LEU B 242 -2.42 17.34 3.99
N PHE B 243 -1.53 17.18 3.03
CA PHE B 243 -0.28 16.53 3.28
C PHE B 243 0.92 17.49 3.34
N ASP B 244 0.62 18.78 3.31
CA ASP B 244 1.57 19.84 3.55
C ASP B 244 2.73 19.86 2.56
N LEU B 245 2.40 19.71 1.27
CA LEU B 245 3.34 19.68 0.18
C LEU B 245 2.98 20.73 -0.88
N LYS B 246 3.86 20.90 -1.87
CA LYS B 246 3.60 21.76 -3.02
C LYS B 246 3.34 20.88 -4.24
N GLU B 247 2.79 21.46 -5.29
CA GLU B 247 2.26 20.66 -6.38
C GLU B 247 3.33 19.84 -7.10
N HIS B 248 4.57 20.30 -7.14
CA HIS B 248 5.63 19.57 -7.87
C HIS B 248 5.81 18.16 -7.27
N GLN B 249 5.65 18.06 -5.95
CA GLN B 249 5.63 16.79 -5.25
C GLN B 249 4.39 15.87 -5.46
N ILE B 250 3.38 16.30 -6.22
CA ILE B 250 2.18 15.48 -6.41
C ILE B 250 1.89 15.33 -7.89
N GLN B 251 1.95 14.11 -8.40
N GLN B 251 1.96 14.11 -8.40
CA GLN B 251 1.80 13.88 -9.83
CA GLN B 251 1.83 13.86 -9.85
C GLN B 251 0.54 13.07 -10.06
C GLN B 251 0.59 13.02 -10.08
N VAL B 252 0.12 13.00 -11.32
CA VAL B 252 -1.14 12.40 -11.67
C VAL B 252 -0.91 11.37 -12.72
N VAL B 253 -1.50 10.19 -12.50
CA VAL B 253 -1.52 9.10 -13.45
C VAL B 253 -2.98 8.72 -13.79
N ILE B 254 -3.27 8.57 -15.07
CA ILE B 254 -4.55 8.04 -15.53
C ILE B 254 -4.60 6.52 -15.35
N HIS B 255 -5.69 6.07 -14.73
CA HIS B 255 -5.93 4.69 -14.39
C HIS B 255 -7.43 4.46 -14.55
N PRO B 256 -7.87 3.94 -15.70
CA PRO B 256 -9.34 3.84 -16.00
C PRO B 256 -10.12 2.83 -15.20
N ASN B 257 -9.48 1.80 -14.67
CA ASN B 257 -10.21 0.73 -13.97
C ASN B 257 -10.77 1.16 -12.60
N SER B 258 -10.27 2.25 -12.07
CA SER B 258 -10.64 2.75 -10.73
C SER B 258 -10.42 1.76 -9.58
N VAL B 259 -9.41 0.91 -9.75
CA VAL B 259 -9.02 -0.04 -8.73
C VAL B 259 -7.92 0.46 -7.83
N VAL B 260 -6.85 0.93 -8.43
CA VAL B 260 -5.78 1.58 -7.69
C VAL B 260 -6.17 3.01 -7.40
N HIS B 261 -6.31 3.36 -6.13
CA HIS B 261 -6.82 4.69 -5.77
C HIS B 261 -5.82 5.83 -5.52
N SER B 262 -4.56 5.50 -5.39
CA SER B 262 -3.45 6.46 -5.38
C SER B 262 -2.27 5.76 -4.77
N LEU B 263 -1.10 6.39 -4.87
CA LEU B 263 0.12 5.82 -4.37
C LEU B 263 0.98 6.85 -3.65
N VAL B 264 1.81 6.33 -2.77
CA VAL B 264 2.88 7.08 -2.19
C VAL B 264 4.20 6.44 -2.55
N GLU B 265 5.02 7.18 -3.26
CA GLU B 265 6.36 6.79 -3.64
C GLU B 265 7.38 7.17 -2.59
N TYR B 266 8.13 6.17 -2.13
CA TYR B 266 9.26 6.34 -1.19
C TYR B 266 10.66 6.28 -1.86
N VAL B 267 11.67 6.72 -1.12
CA VAL B 267 13.02 6.94 -1.69
C VAL B 267 13.75 5.67 -2.03
N ASP B 268 13.42 4.57 -1.33
CA ASP B 268 13.98 3.27 -1.62
C ASP B 268 13.38 2.55 -2.82
N GLY B 269 12.37 3.15 -3.43
CA GLY B 269 11.73 2.57 -4.60
C GLY B 269 10.36 1.97 -4.34
N SER B 270 9.94 1.88 -3.08
CA SER B 270 8.62 1.39 -2.70
C SER B 270 7.47 2.36 -3.05
N PHE B 271 6.47 1.86 -3.78
CA PHE B 271 5.21 2.59 -4.01
C PHE B 271 4.19 1.85 -3.14
N LEU B 272 3.70 2.52 -2.10
CA LEU B 272 2.56 2.02 -1.32
C LEU B 272 1.30 2.57 -1.96
N ALA B 273 0.38 1.66 -2.26
CA ALA B 273 -0.87 2.00 -2.86
C ALA B 273 -2.02 1.38 -2.09
N GLN B 274 -3.18 2.04 -2.13
CA GLN B 274 -4.46 1.46 -1.71
C GLN B 274 -5.25 1.01 -2.94
N LEU B 275 -5.67 -0.25 -2.94
CA LEU B 275 -6.56 -0.81 -3.98
C LEU B 275 -7.93 -1.18 -3.33
N GLY B 276 -8.97 -1.27 -4.15
CA GLY B 276 -10.29 -1.63 -3.64
C GLY B 276 -11.34 -1.44 -4.71
N THR B 277 -12.56 -1.95 -4.48
CA THR B 277 -13.58 -1.70 -5.47
C THR B 277 -13.89 -0.26 -5.23
N PRO B 278 -14.19 0.46 -6.28
CA PRO B 278 -14.51 1.88 -6.16
C PRO B 278 -15.93 2.11 -5.53
N ASP B 279 -15.96 2.31 -4.24
CA ASP B 279 -17.10 2.39 -3.44
C ASP B 279 -16.73 3.21 -2.23
N MET B 280 -17.36 4.36 -2.06
CA MET B 280 -16.93 5.28 -1.01
C MET B 280 -17.16 4.77 0.40
N LYS B 281 -17.85 3.64 0.58
CA LYS B 281 -17.97 3.10 1.93
C LYS B 281 -16.63 2.67 2.51
N THR B 282 -15.69 2.26 1.66
CA THR B 282 -14.38 1.86 2.14
C THR B 282 -13.68 3.02 2.84
N PRO B 283 -13.43 4.14 2.13
CA PRO B 283 -12.76 5.26 2.81
C PRO B 283 -13.56 5.87 3.92
N ILE B 284 -14.88 5.87 3.83
CA ILE B 284 -15.69 6.45 4.92
C ILE B 284 -15.50 5.56 6.12
N ALA B 285 -15.64 4.26 5.92
CA ALA B 285 -15.50 3.31 7.01
C ALA B 285 -14.14 3.44 7.71
N HIS B 286 -13.07 3.54 6.92
CA HIS B 286 -11.72 3.72 7.42
C HIS B 286 -11.62 4.98 8.25
N ALA B 287 -12.17 6.05 7.72
CA ALA B 287 -12.07 7.31 8.41
C ALA B 287 -12.93 7.31 9.70
N LEU B 288 -14.12 6.68 9.68
CA LEU B 288 -14.97 6.60 10.85
C LEU B 288 -14.34 5.85 11.99
N ALA B 289 -13.75 4.70 11.70
CA ALA B 289 -13.28 3.87 12.77
C ALA B 289 -11.85 4.18 13.18
N TYR B 290 -11.13 4.97 12.41
CA TYR B 290 -9.71 5.20 12.65
C TYR B 290 -9.47 5.51 14.13
N PRO B 291 -8.43 4.96 14.76
CA PRO B 291 -7.38 4.16 14.16
C PRO B 291 -7.71 2.67 14.07
N GLU B 292 -8.92 2.31 14.50
CA GLU B 292 -9.40 0.95 14.29
C GLU B 292 -9.98 0.78 12.88
N ARG B 293 -10.45 -0.43 12.59
CA ARG B 293 -11.14 -0.73 11.34
C ARG B 293 -12.37 -1.57 11.62
N ILE B 294 -13.32 -1.48 10.69
CA ILE B 294 -14.63 -2.10 10.81
C ILE B 294 -15.10 -2.53 9.45
N LYS B 295 -15.97 -3.52 9.40
CA LYS B 295 -16.62 -3.93 8.13
C LYS B 295 -17.34 -2.74 7.52
N SER B 296 -17.27 -2.60 6.20
CA SER B 296 -17.89 -1.47 5.52
C SER B 296 -19.14 -1.83 4.71
N GLY B 297 -19.34 -3.11 4.45
CA GLY B 297 -20.44 -3.51 3.56
C GLY B 297 -20.15 -3.40 2.08
N VAL B 298 -18.90 -3.17 1.68
CA VAL B 298 -18.61 -3.18 0.26
C VAL B 298 -18.47 -4.64 -0.15
N MET B 299 -18.67 -4.88 -1.43
CA MET B 299 -18.29 -6.14 -2.00
C MET B 299 -16.81 -6.04 -2.32
N PRO B 300 -15.96 -6.87 -1.67
CA PRO B 300 -14.51 -6.64 -1.88
C PRO B 300 -14.05 -6.92 -3.30
N LEU B 301 -13.00 -6.25 -3.69
CA LEU B 301 -12.36 -6.49 -4.95
C LEU B 301 -11.95 -7.96 -5.08
N ASP B 302 -12.28 -8.57 -6.21
CA ASP B 302 -11.89 -9.95 -6.52
C ASP B 302 -10.66 -9.94 -7.46
N LEU B 303 -9.48 -10.23 -6.89
CA LEU B 303 -8.24 -10.10 -7.65
C LEU B 303 -8.16 -11.09 -8.78
N TYR B 304 -8.81 -12.24 -8.64
CA TYR B 304 -8.87 -13.17 -9.76
C TYR B 304 -9.55 -12.59 -11.03
N GLN B 305 -10.61 -11.79 -10.88
CA GLN B 305 -11.37 -11.33 -12.06
C GLN B 305 -10.99 -9.93 -12.54
N LEU B 306 -9.79 -9.50 -12.21
CA LEU B 306 -9.43 -8.11 -12.41
C LEU B 306 -9.18 -7.88 -13.86
N GLY B 307 -8.39 -8.75 -14.44
CA GLY B 307 -8.04 -8.64 -15.84
C GLY B 307 -6.75 -7.88 -15.88
N SER B 308 -6.80 -6.70 -16.50
CA SER B 308 -5.62 -5.89 -16.65
C SER B 308 -5.91 -4.46 -16.20
N LEU B 309 -5.10 -3.97 -15.28
CA LEU B 309 -5.17 -2.62 -14.80
C LEU B 309 -4.28 -1.75 -15.64
N LYS B 310 -4.83 -0.70 -16.26
CA LYS B 310 -4.07 0.15 -17.17
C LYS B 310 -3.62 1.44 -16.50
N PHE B 311 -2.50 1.94 -17.02
CA PHE B 311 -1.88 3.15 -16.56
C PHE B 311 -1.33 3.89 -17.75
N LEU B 312 -1.33 5.21 -17.65
CA LEU B 312 -1.31 6.06 -18.82
C LEU B 312 -0.99 7.48 -18.33
N ALA B 313 -0.15 8.20 -19.05
CA ALA B 313 0.11 9.58 -18.72
C ALA B 313 -1.08 10.45 -19.09
N PRO B 314 -1.36 11.50 -18.31
CA PRO B 314 -2.43 12.41 -18.64
C PRO B 314 -2.17 13.11 -19.96
N ASP B 315 -3.22 13.31 -20.75
CA ASP B 315 -3.21 14.09 -21.97
C ASP B 315 -3.68 15.53 -21.64
N LEU B 316 -2.72 16.44 -21.44
CA LEU B 316 -3.01 17.74 -20.86
C LEU B 316 -3.68 18.70 -21.84
N ASP B 317 -3.40 18.56 -23.14
CA ASP B 317 -4.12 19.36 -24.14
C ASP B 317 -5.58 19.06 -23.97
N LYS B 318 -5.91 17.77 -23.93
CA LYS B 318 -7.29 17.34 -23.81
C LYS B 318 -7.89 17.67 -22.42
N PHE B 319 -7.10 17.65 -21.35
CA PHE B 319 -7.67 17.93 -20.01
C PHE B 319 -7.07 19.20 -19.40
N ALA B 320 -7.34 20.33 -20.07
CA ALA B 320 -6.78 21.62 -19.72
C ALA B 320 -7.08 22.00 -18.27
N CYS B 321 -8.25 21.58 -17.80
CA CYS B 321 -8.63 21.80 -16.42
C CYS B 321 -7.54 21.38 -15.46
N LEU B 322 -6.85 20.31 -15.79
CA LEU B 322 -5.70 19.84 -14.98
C LEU B 322 -4.43 20.72 -15.09
N LYS B 323 -4.04 21.12 -16.30
CA LYS B 323 -3.01 22.16 -16.46
C LYS B 323 -3.35 23.36 -15.58
N LEU B 324 -4.62 23.82 -15.64
CA LEU B 324 -5.00 25.08 -15.04
C LEU B 324 -5.03 24.99 -13.52
N ALA B 325 -5.34 23.81 -13.00
CA ALA B 325 -5.31 23.61 -11.57
C ALA B 325 -3.91 23.62 -10.99
N ARG B 326 -2.97 23.05 -11.74
CA ARG B 326 -1.60 23.06 -11.28
C ARG B 326 -1.10 24.49 -11.27
N TYR B 327 -1.29 25.20 -12.38
CA TYR B 327 -0.98 26.61 -12.48
C TYR B 327 -1.53 27.35 -11.29
N ALA B 328 -2.79 27.08 -10.95
CA ALA B 328 -3.43 27.78 -9.84
C ALA B 328 -2.79 27.35 -8.53
N ALA B 329 -2.50 26.07 -8.36
CA ALA B 329 -1.88 25.62 -7.12
C ALA B 329 -0.59 26.37 -6.86
N ARG B 330 0.20 26.62 -7.90
CA ARG B 330 1.43 27.38 -7.77
C ARG B 330 1.16 28.83 -7.44
N LEU B 331 0.07 29.40 -7.98
CA LEU B 331 -0.25 30.81 -7.72
C LEU B 331 -0.68 31.04 -6.29
N GLY B 332 -1.20 30.04 -5.61
CA GLY B 332 -1.62 30.21 -4.23
C GLY B 332 -3.12 30.29 -4.12
N THR B 333 -3.60 30.66 -2.94
CA THR B 333 -5.02 30.52 -2.62
C THR B 333 -5.97 31.40 -3.46
N GLY B 334 -5.68 32.67 -3.64
CA GLY B 334 -6.46 33.47 -4.56
C GLY B 334 -6.74 32.80 -5.89
N ALA B 335 -5.74 32.22 -6.53
CA ALA B 335 -5.97 31.61 -7.85
C ALA B 335 -6.75 30.34 -7.76
N CYS B 336 -6.68 29.69 -6.62
CA CYS B 336 -7.44 28.44 -6.39
C CYS B 336 -8.92 28.71 -6.22
N ILE B 337 -9.23 29.85 -5.60
CA ILE B 337 -10.59 30.39 -5.50
C ILE B 337 -11.08 30.78 -6.87
N ALA B 338 -10.34 31.62 -7.55
CA ALA B 338 -10.69 31.91 -8.93
C ALA B 338 -10.98 30.60 -9.60
N LEU B 339 -10.11 29.60 -9.40
CA LEU B 339 -10.26 28.32 -10.11
C LEU B 339 -11.55 27.61 -9.77
N ASN B 340 -11.75 27.39 -8.48
CA ASN B 340 -12.84 26.59 -8.02
C ASN B 340 -14.19 27.20 -8.31
N THR B 341 -14.33 28.49 -7.94
CA THR B 341 -15.56 29.24 -8.21
C THR B 341 -15.82 29.41 -9.70
N ALA B 342 -14.85 29.83 -10.49
CA ALA B 342 -15.14 29.92 -11.89
C ALA B 342 -15.75 28.58 -12.29
N ASN B 343 -15.11 27.49 -11.90
CA ASN B 343 -15.53 26.14 -12.28
C ASN B 343 -16.93 25.80 -11.75
N GLU B 344 -17.21 26.16 -10.50
CA GLU B 344 -18.56 26.02 -9.90
C GLU B 344 -19.63 26.69 -10.75
N ILE B 345 -19.28 27.80 -11.41
CA ILE B 345 -20.19 28.56 -12.26
C ILE B 345 -20.28 27.91 -13.63
N ALA B 346 -19.18 27.48 -14.22
CA ALA B 346 -19.36 26.88 -15.54
C ALA B 346 -19.99 25.49 -15.44
N VAL B 347 -20.02 24.90 -14.24
CA VAL B 347 -20.78 23.62 -14.05
C VAL B 347 -22.30 23.84 -13.94
N GLU B 348 -22.72 24.77 -13.06
CA GLU B 348 -24.14 25.14 -12.97
C GLU B 348 -24.59 25.44 -14.40
N ALA B 349 -23.70 26.06 -15.17
CA ALA B 349 -23.98 26.40 -16.54
C ALA B 349 -23.94 25.24 -17.53
N PHE B 350 -23.14 24.21 -17.29
CA PHE B 350 -23.16 23.09 -18.22
C PHE B 350 -24.43 22.26 -18.06
N LEU B 351 -24.71 21.92 -16.81
CA LEU B 351 -25.92 21.18 -16.43
C LEU B 351 -27.26 21.91 -16.78
N ALA B 352 -27.25 23.24 -16.72
CA ALA B 352 -28.34 24.05 -17.22
C ALA B 352 -28.36 24.13 -18.77
N GLU B 353 -27.36 23.56 -19.43
CA GLU B 353 -27.34 23.44 -20.89
C GLU B 353 -27.10 24.76 -21.60
N LYS B 354 -26.38 25.67 -20.93
CA LYS B 354 -26.02 26.99 -21.47
C LYS B 354 -24.66 27.02 -22.17
N ILE B 355 -23.72 26.18 -21.71
CA ILE B 355 -22.45 26.05 -22.39
C ILE B 355 -22.14 24.61 -22.79
N CYS B 356 -21.20 24.48 -23.71
CA CYS B 356 -20.58 23.21 -24.02
C CYS B 356 -19.69 22.66 -22.89
N LEU B 357 -19.44 21.36 -22.89
CA LEU B 357 -18.54 20.77 -21.90
C LEU B 357 -17.14 21.37 -21.95
N THR B 358 -16.58 21.45 -23.17
CA THR B 358 -15.25 22.04 -23.40
C THR B 358 -15.15 23.52 -23.08
N ASP B 359 -16.30 24.17 -22.94
CA ASP B 359 -16.33 25.56 -22.52
C ASP B 359 -15.94 25.72 -21.04
N ILE B 360 -16.00 24.66 -20.24
CA ILE B 360 -15.57 24.78 -18.83
C ILE B 360 -14.10 25.22 -18.73
N ALA B 361 -13.26 24.73 -19.65
CA ALA B 361 -11.84 25.09 -19.63
C ALA B 361 -11.63 26.57 -19.94
N VAL B 362 -12.33 27.05 -20.96
CA VAL B 362 -12.18 28.42 -21.46
C VAL B 362 -12.54 29.46 -20.40
N ILE B 363 -13.64 29.22 -19.71
CA ILE B 363 -14.18 30.13 -18.71
C ILE B 363 -13.22 30.24 -17.55
N VAL B 364 -12.66 29.10 -17.15
CA VAL B 364 -11.75 29.04 -16.01
C VAL B 364 -10.39 29.71 -16.29
N LYS B 365 -9.88 29.57 -17.50
CA LYS B 365 -8.64 30.23 -17.82
C LYS B 365 -8.89 31.71 -17.84
N ALA B 366 -9.97 32.08 -18.55
CA ALA B 366 -10.26 33.49 -18.76
C ALA B 366 -10.34 34.13 -17.40
N CYS B 367 -10.93 33.42 -16.44
CA CYS B 367 -10.95 33.88 -15.07
C CYS B 367 -9.58 33.90 -14.34
N LEU B 368 -8.71 32.91 -14.59
CA LEU B 368 -7.42 32.92 -13.90
C LEU B 368 -6.63 34.09 -14.42
N ASP B 369 -6.70 34.32 -15.74
CA ASP B 369 -5.93 35.38 -16.41
C ASP B 369 -6.61 36.74 -16.47
N ASP B 370 -7.77 36.89 -15.85
CA ASP B 370 -8.44 38.18 -15.76
C ASP B 370 -7.79 39.15 -14.77
N LYS B 371 -7.56 40.40 -15.21
CA LYS B 371 -6.80 41.35 -14.40
C LYS B 371 -7.52 41.73 -13.11
N THR B 372 -8.84 41.77 -13.16
CA THR B 372 -9.63 42.14 -11.99
C THR B 372 -9.63 41.03 -10.94
N ILE B 373 -9.55 39.80 -11.39
CA ILE B 373 -9.42 38.70 -10.46
C ILE B 373 -7.99 38.71 -9.91
N ALA B 374 -7.00 38.77 -10.80
CA ALA B 374 -5.59 38.75 -10.36
C ALA B 374 -5.16 39.80 -9.30
N GLN B 375 -5.86 40.93 -9.19
CA GLN B 375 -5.52 41.91 -8.13
C GLN B 375 -5.58 41.31 -6.72
N ASP B 376 -6.39 40.27 -6.52
CA ASP B 376 -6.60 39.73 -5.16
C ASP B 376 -5.73 38.51 -4.86
N TYR B 377 -5.00 38.03 -5.86
CA TYR B 377 -4.11 36.91 -5.66
C TYR B 377 -3.11 37.08 -4.52
N SER B 378 -2.65 38.30 -4.26
CA SER B 378 -1.60 38.54 -3.27
C SER B 378 -2.15 38.82 -1.87
N GLN B 379 -3.41 38.49 -1.64
CA GLN B 379 -4.00 38.73 -0.32
C GLN B 379 -3.75 37.62 0.69
N ASP B 380 -3.96 37.96 1.97
CA ASP B 380 -3.78 37.02 3.06
C ASP B 380 -5.10 36.34 3.36
N PHE B 381 -5.40 35.35 2.54
CA PHE B 381 -6.60 34.55 2.67
C PHE B 381 -6.54 33.64 3.90
N GLY B 382 -5.42 33.66 4.62
CA GLY B 382 -5.19 32.76 5.74
C GLY B 382 -5.14 33.46 7.08
N ASP B 383 -5.52 34.72 7.11
CA ASP B 383 -5.46 35.48 8.36
C ASP B 383 -6.55 34.95 9.26
N GLU B 384 -6.20 34.64 10.52
CA GLU B 384 -7.15 34.03 11.47
C GLU B 384 -8.42 34.88 11.66
N VAL B 385 -8.26 36.19 11.69
CA VAL B 385 -9.40 37.10 11.89
C VAL B 385 -10.14 37.44 10.57
N LEU B 386 -9.37 37.66 9.51
CA LEU B 386 -9.93 38.35 8.33
C LEU B 386 -9.97 37.52 7.05
N GLY B 387 -9.34 36.34 7.08
CA GLY B 387 -9.30 35.46 5.92
C GLY B 387 -10.67 35.05 5.41
N LEU B 388 -11.59 34.76 6.34
CA LEU B 388 -12.86 34.25 5.86
C LEU B 388 -13.57 35.26 4.97
N GLU B 389 -13.66 36.52 5.40
CA GLU B 389 -14.41 37.56 4.62
C GLU B 389 -13.74 37.84 3.29
N ARG B 390 -12.41 37.74 3.31
CA ARG B 390 -11.60 37.85 2.10
C ARG B 390 -11.85 36.71 1.12
N ILE B 391 -11.97 35.48 1.63
CA ILE B 391 -12.30 34.33 0.77
C ILE B 391 -13.71 34.49 0.15
N LEU B 392 -14.68 34.84 0.97
CA LEU B 392 -16.06 34.96 0.48
C LEU B 392 -16.24 36.13 -0.50
N THR B 393 -15.59 37.26 -0.25
CA THR B 393 -15.64 38.40 -1.15
C THR B 393 -15.11 38.03 -2.54
N MET B 394 -14.04 37.24 -2.59
CA MET B 394 -13.45 36.85 -3.87
C MET B 394 -14.33 35.84 -4.54
N ASP B 395 -14.87 34.93 -3.75
CA ASP B 395 -15.92 34.08 -4.23
C ASP B 395 -16.98 34.90 -4.95
N LYS B 396 -17.63 35.87 -4.26
CA LYS B 396 -18.75 36.65 -4.86
C LYS B 396 -18.24 37.30 -6.14
N LYS B 397 -17.01 37.78 -6.09
CA LYS B 397 -16.42 38.44 -7.22
C LYS B 397 -16.20 37.53 -8.41
N VAL B 398 -15.62 36.37 -8.19
CA VAL B 398 -15.43 35.44 -9.30
C VAL B 398 -16.77 34.99 -9.82
N ARG B 399 -17.73 34.81 -8.91
CA ARG B 399 -19.11 34.45 -9.33
C ARG B 399 -19.61 35.44 -10.38
N LYS B 400 -19.55 36.73 -10.06
CA LYS B 400 -19.95 37.80 -11.02
C LYS B 400 -19.19 37.72 -12.35
N ILE B 401 -17.85 37.62 -12.28
CA ILE B 401 -17.02 37.76 -13.47
C ILE B 401 -17.11 36.54 -14.35
N ALA B 402 -17.12 35.37 -13.71
CA ALA B 402 -17.31 34.13 -14.43
C ALA B 402 -18.68 34.12 -15.13
N THR B 403 -19.73 34.51 -14.41
CA THR B 403 -21.04 34.69 -15.06
C THR B 403 -20.91 35.60 -16.28
N ALA B 404 -20.19 36.71 -16.13
CA ALA B 404 -20.00 37.65 -17.24
C ALA B 404 -19.23 37.02 -18.38
N LYS B 405 -18.20 36.25 -18.07
CA LYS B 405 -17.40 35.61 -19.10
C LYS B 405 -18.27 34.67 -19.91
N ILE B 406 -19.20 33.99 -19.21
CA ILE B 406 -20.06 33.01 -19.86
C ILE B 406 -20.91 33.71 -20.88
N LYS B 407 -21.63 34.75 -20.45
CA LYS B 407 -22.46 35.59 -21.35
C LYS B 407 -21.64 36.12 -22.54
N LEU B 408 -20.45 36.63 -22.26
CA LEU B 408 -19.59 37.14 -23.30
C LEU B 408 -19.25 36.06 -24.34
N LEU B 409 -19.08 34.80 -23.90
CA LEU B 409 -18.58 33.72 -24.78
C LEU B 409 -19.63 33.31 -25.79
N LYS B 410 -20.84 33.09 -25.29
CA LYS B 410 -21.99 32.83 -26.13
C LYS B 410 -22.18 33.88 -27.27
N GLN B 411 -21.35 34.94 -27.32
CA GLN B 411 -21.27 35.87 -28.47
C GLN B 411 -19.81 36.07 -28.92
N GLY B 412 -18.94 36.58 -28.05
CA GLY B 412 -17.52 36.82 -28.39
C GLY B 412 -16.79 37.90 -27.58
N ASP B 413 -15.51 37.62 -27.24
CA ASP B 413 -14.59 38.60 -26.60
C ASP B 413 -13.47 38.97 -27.56
PA NAD C . 22.90 -17.61 -3.95
O1A NAD C . 22.87 -19.04 -4.39
O2A NAD C . 23.11 -16.49 -4.96
O5B NAD C . 23.89 -17.38 -2.71
C5B NAD C . 23.87 -18.16 -1.52
C4B NAD C . 24.93 -17.67 -0.51
O4B NAD C . 24.96 -18.63 0.56
C3B NAD C . 26.34 -17.57 -1.10
O3B NAD C . 27.06 -16.47 -0.56
C2B NAD C . 26.99 -18.88 -0.67
O2B NAD C . 28.37 -18.76 -0.35
C1B NAD C . 26.23 -19.30 0.58
N9A NAD C . 26.08 -20.78 0.66
C8A NAD C . 25.62 -21.58 -0.34
N7A NAD C . 25.61 -22.88 0.05
C5A NAD C . 26.07 -22.94 1.30
C6A NAD C . 26.32 -24.04 2.25
N6A NAD C . 26.03 -25.35 1.89
N1A NAD C . 26.81 -23.69 3.44
C2A NAD C . 27.10 -22.39 3.77
N3A NAD C . 26.92 -21.33 2.95
C4A NAD C . 26.40 -21.56 1.71
O3 NAD C . 21.50 -17.38 -3.19
PN NAD C . 20.45 -16.17 -3.29
O1N NAD C . 19.74 -16.36 -4.61
O2N NAD C . 21.16 -14.90 -2.87
O5D NAD C . 19.48 -16.64 -2.10
C5D NAD C . 19.78 -16.37 -0.72
C4D NAD C . 18.53 -16.60 0.13
O4D NAD C . 17.63 -15.49 0.05
C3D NAD C . 17.77 -17.83 -0.32
O3D NAD C . 17.24 -18.44 0.84
C2D NAD C . 16.71 -17.29 -1.25
O2D NAD C . 15.59 -18.19 -1.34
C1D NAD C . 16.41 -15.93 -0.61
N1N NAD C . 15.94 -14.93 -1.58
C2N NAD C . 16.73 -14.54 -2.61
C3N NAD C . 16.27 -13.61 -3.56
C7N NAD C . 17.11 -13.13 -4.71
O7N NAD C . 16.79 -12.12 -5.32
N7N NAD C . 18.23 -13.78 -5.04
C4N NAD C . 14.99 -13.10 -3.41
C5N NAD C . 14.23 -13.51 -2.35
C6N NAD C . 14.71 -14.43 -1.43
MG MG D . 10.14 -13.72 -2.82
O2 FOM E . 11.08 -14.52 -4.56
N1 FOM E . 11.33 -13.42 -5.35
C1 FOM E . 11.43 -12.26 -4.86
O1 FOM E . 11.28 -12.06 -3.66
C2 FOM E . 11.41 -13.71 -6.78
C3 FOM E . 9.99 -14.23 -7.00
C4 FOM E . 9.81 -14.82 -8.37
PA1 FOM E . 8.16 -15.49 -8.36
OP1 FOM E . 7.16 -14.25 -8.21
OP2 FOM E . 7.95 -16.25 -7.13
OP3 FOM E . 7.77 -16.40 -9.66
C1 GOL F . 6.29 -11.22 -6.24
O1 GOL F . 7.08 -10.34 -5.42
C2 GOL F . 6.43 -10.85 -7.72
O2 GOL F . 7.39 -11.70 -8.44
C3 GOL F . 4.98 -10.88 -8.20
O3 GOL F . 4.78 -11.01 -9.61
C3' NHE G . 0.51 -20.61 14.88
C2' NHE G . 0.41 -19.79 13.59
C1' NHE G . 1.54 -20.03 12.61
C6' NHE G . 2.84 -20.14 13.40
N NHE G . 1.22 -21.15 11.71
C1 NHE G . 2.01 -22.37 11.50
C2 NHE G . 2.10 -22.71 10.01
S NHE G . 2.73 -24.22 9.68
O1 NHE G . 1.53 -25.28 9.92
O2 NHE G . 3.07 -24.26 8.29
O3 NHE G . 3.93 -24.58 10.42
C5' NHE G . 2.89 -21.29 14.40
C4' NHE G . 1.51 -21.76 14.83
PA NAD H . -24.36 15.79 -3.58
O1A NAD H . -24.75 16.59 -4.78
O2A NAD H . -24.76 14.32 -3.54
O5B NAD H . -24.90 16.69 -2.36
C5B NAD H . -24.29 16.71 -1.08
C4B NAD H . -25.04 17.43 0.03
O4B NAD H . -24.78 18.86 0.01
C3B NAD H . -26.54 17.20 0.00
O3B NAD H . -26.94 16.59 1.24
C2B NAD H . -27.12 18.62 -0.15
O2B NAD H . -28.32 18.88 0.59
C1B NAD H . -26.02 19.50 0.38
N9A NAD H . -26.04 20.88 -0.16
C8A NAD H . -26.05 21.24 -1.46
N7A NAD H . -26.02 22.58 -1.60
C5A NAD H . -25.98 23.10 -0.36
C6A NAD H . -25.96 24.45 0.20
N6A NAD H . -25.95 25.54 -0.61
N1A NAD H . -25.94 24.54 1.55
C2A NAD H . -25.96 23.47 2.39
N3A NAD H . -26.00 22.21 1.94
C4A NAD H . -26.01 21.98 0.58
O3 NAD H . -22.74 15.82 -3.34
PN NAD H . -21.77 14.54 -3.12
O1N NAD H . -21.54 13.97 -4.50
O2N NAD H . -22.26 13.66 -1.99
O5D NAD H . -20.45 15.36 -2.70
C5D NAD H . -20.32 15.95 -1.43
C4D NAD H . -18.85 16.34 -1.21
O4D NAD H . -18.00 15.20 -1.15
C3D NAD H . -18.37 17.17 -2.38
O3D NAD H . -17.47 18.13 -1.81
C2D NAD H . -17.65 16.19 -3.27
O2D NAD H . -16.68 16.86 -4.10
C1D NAD H . -17.06 15.21 -2.24
N1N NAD H . -16.84 13.84 -2.75
C2N NAD H . -17.89 13.07 -3.15
C3N NAD H . -17.69 11.77 -3.65
C7N NAD H . -18.82 10.89 -4.10
O7N NAD H . -18.66 9.70 -4.17
N7N NAD H . -20.00 11.46 -4.37
C4N NAD H . -16.39 11.26 -3.72
C5N NAD H . -15.36 12.07 -3.27
C6N NAD H . -15.59 13.36 -2.79
MG MG I . -11.67 11.68 -5.23
O2 FOM J . -13.36 11.77 -6.52
N1 FOM J . -13.73 10.42 -6.58
C1 FOM J . -13.49 9.62 -5.64
O1 FOM J . -12.88 9.97 -4.64
C2 FOM J . -14.35 10.01 -7.84
C3 FOM J . -13.16 10.14 -8.78
C4 FOM J . -13.57 10.23 -10.25
PA1 FOM J . -12.01 10.50 -11.13
OP1 FOM J . -12.26 10.37 -12.71
OP2 FOM J . -10.97 9.40 -10.61
OP3 FOM J . -11.41 11.79 -10.75
C1 GOL K . -9.15 5.70 -10.35
O1 GOL K . -8.05 6.02 -11.18
C2 GOL K . -9.68 6.99 -9.72
O2 GOL K . -11.16 6.94 -9.62
C3 GOL K . -8.86 7.16 -8.43
O3 GOL K . -9.68 7.02 -7.28
C3' NHE L . 3.77 24.03 2.64
C2' NHE L . 2.71 23.61 1.61
C1' NHE L . 1.32 24.27 1.67
C6' NHE L . 1.36 25.72 2.14
N NHE L . 0.74 24.14 0.33
C1 NHE L . 0.30 25.28 -0.50
C2 NHE L . -0.53 24.84 -1.73
S NHE L . -1.36 26.08 -2.49
O1 NHE L . -2.01 27.02 -1.60
O2 NHE L . -2.39 25.55 -3.34
O3 NHE L . -0.30 26.86 -3.46
C5' NHE L . 2.27 25.90 3.35
C4' NHE L . 3.71 25.49 3.06
#